data_4FGC
#
_entry.id   4FGC
#
_cell.length_a   93.048
_cell.length_b   93.048
_cell.length_c   193.651
_cell.angle_alpha   90.00
_cell.angle_beta   90.00
_cell.angle_gamma   120.00
#
_symmetry.space_group_name_H-M   'P 32 2 1'
#
loop_
_entity.id
_entity.type
_entity.pdbx_description
1 polymer 'NADPH-dependent 7-cyano-7-deazaguanine reductase'
2 non-polymer 2-AMINO-4-OXO-4,7-DIHYDRO-3H-PYRROLO[2,3-D]PYRIMIDINE-5-CARBONITRILE
3 non-polymer 'CALCIUM ION'
4 non-polymer 2-{2-[2-(2-{2-[2-(2-ETHOXY-ETHOXY)-ETHOXY]-ETHOXY}-ETHOXY)-ETHOXY]-ETHOXY}-ETHANOL
5 water water
#
_entity_poly.entity_id   1
_entity_poly.type   'polypeptide(L)'
_entity_poly.pdbx_seq_one_letter_code
;MTTRKESELEGVTLLGNQGTNYLFEYAPDVLESFPNKHVNRDYFVKFNCPEFTSLAPKTGQPDFATIYISYIPDEKMVES
KSLKLYLFSFRNHGDFHEDCMNIIMNDLIELMDPRYIEVWGKFTPRGGISIDPYTNYGKPGTKYEKMAEYRMMNHDLYPE
TIDNR
;
_entity_poly.pdbx_strand_id   A,B,C,D,E
#
loop_
_chem_comp.id
_chem_comp.type
_chem_comp.name
_chem_comp.formula
CA non-polymer 'CALCIUM ION' 'Ca 2'
PE4 non-polymer 2-{2-[2-(2-{2-[2-(2-ETHOXY-ETHOXY)-ETHOXY]-ETHOXY}-ETHOXY)-ETHOXY]-ETHOXY}-ETHANOL 'C16 H34 O8'
PQ0 non-polymer 2-AMINO-4-OXO-4,7-DIHYDRO-3H-PYRROLO[2,3-D]PYRIMIDINE-5-CARBONITRILE 'C7 H5 N5 O'
#
# COMPACT_ATOMS: atom_id res chain seq x y z
CA ASN A 21 23.23 -35.49 -9.99
C ASN A 21 22.20 -34.60 -10.77
N TYR A 22 22.63 -33.44 -11.28
CA TYR A 22 21.70 -32.45 -11.92
C TYR A 22 21.83 -32.05 -13.40
N LEU A 23 20.68 -31.91 -14.07
CA LEU A 23 20.62 -31.48 -15.48
C LEU A 23 20.63 -29.96 -15.58
N PHE A 24 21.56 -29.42 -16.37
CA PHE A 24 21.63 -27.97 -16.59
C PHE A 24 21.30 -27.70 -18.07
N GLU A 25 20.78 -28.72 -18.74
CA GLU A 25 20.17 -28.54 -20.05
C GLU A 25 18.65 -28.46 -19.93
N TYR A 26 18.07 -27.39 -20.44
CA TYR A 26 16.62 -27.31 -20.64
C TYR A 26 16.00 -28.70 -20.66
N ALA A 27 15.10 -28.94 -19.70
CA ALA A 27 14.58 -30.28 -19.47
C ALA A 27 13.14 -30.23 -18.97
N PRO A 28 12.21 -29.93 -19.87
CA PRO A 28 10.79 -29.77 -19.51
C PRO A 28 10.18 -31.09 -19.05
N ASP A 29 10.80 -32.21 -19.45
CA ASP A 29 10.29 -33.53 -19.08
C ASP A 29 10.45 -33.86 -17.60
N VAL A 30 11.15 -33.00 -16.86
CA VAL A 30 11.37 -33.19 -15.41
C VAL A 30 10.11 -32.75 -14.57
N LEU A 31 9.30 -31.86 -15.14
CA LEU A 31 8.07 -31.37 -14.51
C LEU A 31 7.12 -32.52 -14.15
N GLU A 32 6.48 -32.37 -12.99
CA GLU A 32 5.60 -33.39 -12.45
C GLU A 32 4.43 -32.71 -11.71
N SER A 33 3.25 -33.28 -11.89
CA SER A 33 2.06 -32.74 -11.26
C SER A 33 1.42 -33.78 -10.38
N PHE A 34 0.50 -33.31 -9.55
CA PHE A 34 -0.27 -34.20 -8.70
C PHE A 34 -1.72 -33.67 -8.83
N PRO A 35 -2.73 -34.51 -8.53
CA PRO A 35 -4.07 -33.99 -8.72
C PRO A 35 -4.48 -33.01 -7.67
N ASN A 36 -5.33 -32.08 -8.06
CA ASN A 36 -5.89 -31.10 -7.20
C ASN A 36 -7.07 -31.70 -6.47
N LYS A 37 -7.04 -31.75 -5.14
CA LYS A 37 -8.18 -32.27 -4.38
C LYS A 37 -9.28 -31.22 -4.13
N HIS A 38 -9.24 -30.04 -4.74
CA HIS A 38 -10.28 -29.02 -4.48
C HIS A 38 -10.61 -28.26 -5.78
N VAL A 39 -11.52 -28.82 -6.58
CA VAL A 39 -11.78 -28.21 -7.88
C VAL A 39 -13.04 -27.33 -7.95
N ASN A 40 -13.82 -27.27 -6.87
CA ASN A 40 -15.04 -26.45 -6.89
C ASN A 40 -14.76 -24.97 -6.71
N ARG A 41 -13.56 -24.64 -6.23
CA ARG A 41 -13.26 -23.24 -6.03
C ARG A 41 -12.01 -22.77 -6.75
N ASP A 42 -11.95 -21.46 -6.93
CA ASP A 42 -10.80 -20.81 -7.51
C ASP A 42 -9.91 -20.33 -6.37
N TYR A 43 -8.64 -20.72 -6.43
CA TYR A 43 -7.64 -20.32 -5.45
C TYR A 43 -6.30 -20.17 -6.15
N PHE A 44 -5.50 -19.24 -5.65
CA PHE A 44 -4.18 -18.99 -6.20
C PHE A 44 -3.10 -19.72 -5.48
N VAL A 45 -2.03 -19.96 -6.17
CA VAL A 45 -0.92 -20.60 -5.54
C VAL A 45 0.28 -19.94 -6.18
N LYS A 46 1.11 -19.33 -5.35
CA LYS A 46 2.29 -18.65 -5.85
C LYS A 46 3.63 -19.34 -5.49
N PHE A 47 4.53 -19.41 -6.48
CA PHE A 47 5.86 -19.92 -6.24
C PHE A 47 6.88 -18.80 -6.33
N ASN A 48 7.54 -18.48 -5.23
CA ASN A 48 8.60 -17.47 -5.23
C ASN A 48 9.87 -18.17 -5.59
N CYS A 49 10.51 -17.75 -6.68
CA CYS A 49 11.74 -18.40 -7.13
C CYS A 49 12.88 -17.39 -7.34
N PRO A 50 13.57 -16.99 -6.26
CA PRO A 50 14.65 -15.99 -6.35
C PRO A 50 16.06 -16.46 -6.76
N GLU A 51 16.25 -17.74 -7.12
CA GLU A 51 17.53 -18.28 -7.52
C GLU A 51 17.58 -18.69 -8.99
N PHE A 52 16.77 -18.05 -9.82
CA PHE A 52 16.80 -18.40 -11.23
C PHE A 52 17.99 -17.76 -11.91
N THR A 53 18.65 -18.55 -12.74
CA THR A 53 19.78 -18.06 -13.50
C THR A 53 19.92 -18.88 -14.76
N SER A 54 20.33 -18.21 -15.83
CA SER A 54 20.48 -18.86 -17.13
C SER A 54 21.56 -18.14 -17.92
N LEU A 55 21.79 -18.54 -19.16
CA LEU A 55 22.80 -17.85 -19.97
C LEU A 55 22.12 -16.89 -20.92
N ALA A 56 22.70 -15.70 -21.10
CA ALA A 56 22.04 -14.64 -21.88
C ALA A 56 22.05 -14.92 -23.39
N PRO A 57 21.25 -14.17 -24.14
CA PRO A 57 20.86 -14.57 -25.49
C PRO A 57 22.03 -14.53 -26.45
N LYS A 58 23.02 -13.69 -26.16
CA LYS A 58 24.15 -13.48 -27.07
C LYS A 58 25.47 -13.75 -26.37
N THR A 59 25.88 -12.84 -25.49
CA THR A 59 27.22 -12.86 -24.91
C THR A 59 27.59 -14.26 -24.45
N GLY A 60 26.67 -14.91 -23.73
CA GLY A 60 26.96 -16.18 -23.08
C GLY A 60 27.16 -15.92 -21.58
N GLN A 61 27.05 -14.65 -21.20
CA GLN A 61 27.19 -14.19 -19.82
C GLN A 61 25.94 -14.58 -19.04
N PRO A 62 26.10 -14.97 -17.75
CA PRO A 62 24.91 -15.31 -17.01
C PRO A 62 24.04 -14.10 -16.68
N ASP A 63 22.76 -14.39 -16.44
CA ASP A 63 21.79 -13.38 -15.99
C ASP A 63 21.00 -14.05 -14.85
N PHE A 64 20.37 -13.22 -14.02
CA PHE A 64 19.69 -13.68 -12.82
C PHE A 64 18.38 -12.98 -12.60
N ALA A 65 17.45 -13.71 -12.00
CA ALA A 65 16.15 -13.15 -11.75
C ALA A 65 15.47 -13.89 -10.66
N THR A 66 14.43 -13.23 -10.15
CA THR A 66 13.54 -13.81 -9.17
C THR A 66 12.31 -14.02 -10.02
N ILE A 67 11.80 -15.22 -10.01
CA ILE A 67 10.62 -15.50 -10.83
C ILE A 67 9.40 -15.75 -9.99
N TYR A 68 8.40 -14.93 -10.21
CA TYR A 68 7.16 -15.05 -9.47
C TYR A 68 6.11 -15.74 -10.34
N ILE A 69 5.68 -16.92 -9.89
CA ILE A 69 4.69 -17.77 -10.56
C ILE A 69 3.39 -17.89 -9.77
N SER A 70 2.28 -17.39 -10.33
CA SER A 70 0.97 -17.49 -9.65
C SER A 70 -0.03 -18.17 -10.55
N TYR A 71 -0.84 -19.06 -9.99
CA TYR A 71 -1.81 -19.73 -10.85
C TYR A 71 -3.00 -20.26 -10.10
N ILE A 72 -4.11 -20.30 -10.80
CA ILE A 72 -5.34 -20.85 -10.27
C ILE A 72 -5.37 -22.26 -10.82
N PRO A 73 -5.29 -23.27 -9.96
CA PRO A 73 -5.31 -24.58 -10.62
C PRO A 73 -6.72 -24.99 -11.10
N ASP A 74 -6.78 -26.05 -11.91
CA ASP A 74 -8.03 -26.59 -12.37
C ASP A 74 -8.10 -27.96 -11.74
N GLU A 75 -7.49 -28.93 -12.40
CA GLU A 75 -7.50 -30.31 -11.90
C GLU A 75 -6.09 -30.84 -11.52
N LYS A 76 -5.06 -30.19 -12.05
CA LYS A 76 -3.68 -30.57 -11.84
C LYS A 76 -2.82 -29.51 -11.17
N MET A 77 -1.86 -29.96 -10.37
CA MET A 77 -0.99 -29.04 -9.67
C MET A 77 0.45 -29.48 -9.80
N VAL A 78 1.31 -28.49 -9.93
CA VAL A 78 2.75 -28.75 -10.09
C VAL A 78 3.48 -29.08 -8.76
N GLU A 79 4.26 -30.16 -8.77
CA GLU A 79 5.01 -30.58 -7.59
C GLU A 79 6.26 -29.69 -7.50
N SER A 80 6.45 -29.06 -6.34
CA SER A 80 7.54 -28.08 -6.07
C SER A 80 8.97 -28.50 -6.48
N LYS A 81 9.43 -29.65 -6.01
CA LYS A 81 10.75 -30.17 -6.36
C LYS A 81 10.89 -30.32 -7.88
N SER A 82 9.89 -30.91 -8.51
CA SER A 82 9.95 -31.05 -9.95
C SER A 82 10.19 -29.67 -10.51
N LEU A 83 9.50 -28.66 -9.98
CA LEU A 83 9.63 -27.30 -10.49
C LEU A 83 11.06 -26.76 -10.26
N LYS A 84 11.59 -27.05 -9.05
CA LYS A 84 12.94 -26.66 -8.70
C LYS A 84 13.92 -27.19 -9.72
N LEU A 85 13.83 -28.48 -10.05
CA LEU A 85 14.77 -29.02 -11.05
C LEU A 85 14.52 -28.34 -12.37
N TYR A 86 13.26 -28.27 -12.75
CA TYR A 86 12.93 -27.67 -14.03
C TYR A 86 13.67 -26.35 -14.14
N LEU A 87 13.50 -25.45 -13.19
CA LEU A 87 14.19 -24.15 -13.25
C LEU A 87 15.74 -24.25 -13.29
N PHE A 88 16.31 -25.27 -12.65
CA PHE A 88 17.77 -25.33 -12.69
C PHE A 88 18.21 -25.62 -14.11
N SER A 89 17.54 -26.51 -14.80
CA SER A 89 17.92 -26.88 -16.13
C SER A 89 18.16 -25.70 -17.03
N PHE A 90 17.73 -24.52 -16.63
CA PHE A 90 17.99 -23.30 -17.45
C PHE A 90 19.38 -22.72 -17.21
N ARG A 91 20.10 -23.28 -16.24
CA ARG A 91 21.46 -22.81 -15.86
C ARG A 91 22.45 -22.72 -17.03
N ASN A 92 22.60 -23.77 -17.82
CA ASN A 92 23.56 -23.68 -18.93
C ASN A 92 22.86 -23.63 -20.31
N HIS A 93 21.69 -22.97 -20.34
CA HIS A 93 20.84 -22.78 -21.53
C HIS A 93 20.82 -21.34 -22.02
N GLY A 94 20.94 -21.16 -23.34
CA GLY A 94 20.92 -19.83 -23.97
C GLY A 94 19.71 -19.51 -24.84
N ASP A 95 18.94 -18.51 -24.40
CA ASP A 95 17.75 -17.93 -25.07
C ASP A 95 17.29 -16.56 -24.50
N PHE A 96 16.65 -15.74 -25.33
CA PHE A 96 16.29 -14.39 -24.93
C PHE A 96 15.32 -14.40 -23.76
N HIS A 97 14.97 -13.21 -23.27
CA HIS A 97 14.17 -13.09 -22.06
C HIS A 97 12.73 -13.51 -22.31
N GLU A 98 11.96 -12.64 -22.96
CA GLU A 98 10.55 -12.91 -23.23
C GLU A 98 10.31 -14.38 -23.55
N ASP A 99 11.17 -14.94 -24.40
CA ASP A 99 11.12 -16.35 -24.72
C ASP A 99 11.19 -17.16 -23.45
N CYS A 100 12.23 -16.89 -22.68
CA CYS A 100 12.52 -17.58 -21.43
C CYS A 100 11.27 -17.61 -20.53
N MET A 101 10.60 -16.47 -20.33
CA MET A 101 9.40 -16.50 -19.49
C MET A 101 8.27 -17.35 -20.12
N ASN A 102 7.95 -17.11 -21.40
CA ASN A 102 6.90 -17.90 -22.03
C ASN A 102 7.25 -19.37 -22.05
N ILE A 103 8.51 -19.73 -22.31
CA ILE A 103 8.89 -21.15 -22.31
C ILE A 103 8.32 -21.78 -21.05
N ILE A 104 8.66 -21.15 -19.91
CA ILE A 104 8.22 -21.55 -18.58
C ILE A 104 6.71 -21.56 -18.50
N MET A 105 6.09 -20.42 -18.75
CA MET A 105 4.65 -20.35 -18.68
C MET A 105 4.02 -21.49 -19.48
N ASN A 106 4.40 -21.61 -20.76
CA ASN A 106 3.83 -22.67 -21.63
C ASN A 106 4.00 -24.10 -21.14
N ASP A 107 5.18 -24.46 -20.66
CA ASP A 107 5.44 -25.82 -20.16
C ASP A 107 4.51 -26.07 -18.96
N LEU A 108 4.36 -25.02 -18.14
CA LEU A 108 3.47 -25.06 -17.00
C LEU A 108 2.01 -25.21 -17.45
N ILE A 109 1.65 -24.58 -18.58
CA ILE A 109 0.30 -24.75 -19.12
C ILE A 109 0.11 -26.18 -19.63
N GLU A 110 1.07 -26.66 -20.40
CA GLU A 110 0.96 -27.99 -20.93
C GLU A 110 0.98 -29.01 -19.80
N LEU A 111 1.64 -28.68 -18.70
CA LEU A 111 1.70 -29.60 -17.56
C LEU A 111 0.43 -29.66 -16.76
N MET A 112 -0.12 -28.49 -16.45
CA MET A 112 -1.30 -28.41 -15.60
C MET A 112 -2.60 -28.05 -16.28
N ASP A 113 -2.51 -27.34 -17.41
CA ASP A 113 -3.69 -26.91 -18.12
C ASP A 113 -4.60 -26.21 -17.09
N PRO A 114 -4.08 -25.20 -16.40
CA PRO A 114 -4.82 -24.48 -15.34
C PRO A 114 -5.82 -23.49 -15.87
N ARG A 115 -6.51 -22.76 -14.99
CA ARG A 115 -7.49 -21.79 -15.44
C ARG A 115 -6.79 -20.49 -15.74
N TYR A 116 -5.80 -20.19 -14.90
CA TYR A 116 -5.04 -18.99 -15.04
C TYR A 116 -3.64 -19.20 -14.57
N ILE A 117 -2.72 -18.47 -15.18
CA ILE A 117 -1.30 -18.51 -14.83
C ILE A 117 -0.62 -17.22 -15.30
N GLU A 118 0.39 -16.81 -14.56
CA GLU A 118 1.14 -15.61 -14.88
C GLU A 118 2.54 -15.81 -14.41
N VAL A 119 3.49 -15.43 -15.22
CA VAL A 119 4.87 -15.59 -14.84
C VAL A 119 5.53 -14.22 -14.95
N TRP A 120 6.12 -13.75 -13.85
CA TRP A 120 6.79 -12.48 -13.89
C TRP A 120 8.25 -12.67 -13.42
N GLY A 121 9.20 -12.29 -14.27
CA GLY A 121 10.61 -12.47 -13.95
C GLY A 121 11.25 -11.14 -13.75
N LYS A 122 12.00 -10.97 -12.67
CA LYS A 122 12.66 -9.69 -12.43
C LYS A 122 14.15 -9.86 -12.49
N PHE A 123 14.71 -9.54 -13.64
CA PHE A 123 16.15 -9.68 -13.85
C PHE A 123 16.92 -8.52 -13.21
N THR A 124 18.11 -8.83 -12.71
CA THR A 124 18.95 -7.83 -12.11
C THR A 124 19.36 -6.98 -13.31
N PRO A 125 19.03 -5.67 -13.25
CA PRO A 125 19.27 -4.71 -14.35
C PRO A 125 20.69 -4.84 -14.90
N ARG A 126 20.83 -5.02 -16.22
CA ARG A 126 22.18 -5.16 -16.81
C ARG A 126 22.65 -3.80 -17.40
N GLY A 127 21.76 -3.04 -18.04
CA GLY A 127 22.13 -1.69 -18.50
C GLY A 127 21.61 -0.87 -17.33
N GLY A 128 20.84 0.17 -17.64
CA GLY A 128 20.04 0.88 -16.64
C GLY A 128 18.67 0.28 -16.76
N ILE A 129 18.65 -0.78 -17.55
CA ILE A 129 17.44 -1.53 -17.96
C ILE A 129 17.01 -2.68 -17.02
N SER A 130 15.83 -2.50 -16.43
CA SER A 130 15.18 -3.58 -15.69
C SER A 130 15.13 -4.86 -16.51
N ILE A 131 14.42 -4.82 -17.63
CA ILE A 131 13.87 -6.02 -18.25
C ILE A 131 13.19 -6.91 -17.19
N ASP A 132 11.94 -6.61 -16.89
CA ASP A 132 11.09 -7.53 -16.14
C ASP A 132 9.94 -8.05 -16.99
N PRO A 133 10.12 -9.24 -17.55
CA PRO A 133 9.09 -9.85 -18.37
C PRO A 133 7.89 -10.35 -17.64
N TYR A 134 6.72 -9.93 -18.11
CA TYR A 134 5.46 -10.34 -17.53
C TYR A 134 4.51 -10.94 -18.58
N THR A 135 4.17 -12.22 -18.40
CA THR A 135 3.21 -12.90 -19.27
C THR A 135 2.15 -13.57 -18.42
N ASN A 136 1.03 -13.92 -19.03
CA ASN A 136 -0.06 -14.60 -18.33
C ASN A 136 -0.96 -15.26 -19.34
N TYR A 137 -1.79 -16.15 -18.84
CA TYR A 137 -2.74 -16.89 -19.62
C TYR A 137 -4.02 -17.18 -18.86
N GLY A 138 -5.12 -17.12 -19.60
CA GLY A 138 -6.44 -17.41 -19.06
C GLY A 138 -6.93 -18.52 -19.99
N LYS A 139 -7.71 -19.45 -19.45
CA LYS A 139 -8.20 -20.54 -20.25
C LYS A 139 -9.21 -19.94 -21.22
N PRO A 140 -9.00 -20.12 -22.56
CA PRO A 140 -9.85 -19.58 -23.63
C PRO A 140 -11.31 -19.97 -23.49
N GLY A 141 -12.18 -19.01 -23.83
CA GLY A 141 -13.62 -19.20 -23.74
C GLY A 141 -14.12 -18.99 -22.33
N THR A 142 -13.24 -18.60 -21.40
CA THR A 142 -13.66 -18.42 -20.00
C THR A 142 -13.50 -17.01 -19.46
N LYS A 143 -13.95 -16.84 -18.22
CA LYS A 143 -13.81 -15.58 -17.53
C LYS A 143 -12.33 -15.32 -17.17
N TYR A 144 -11.53 -16.38 -17.05
CA TYR A 144 -10.08 -16.34 -16.72
C TYR A 144 -9.30 -15.65 -17.82
N GLU A 145 -9.80 -15.78 -19.04
CA GLU A 145 -9.21 -15.15 -20.20
C GLU A 145 -9.48 -13.65 -20.12
N LYS A 146 -10.45 -13.26 -19.31
CA LYS A 146 -10.76 -11.83 -19.22
C LYS A 146 -9.96 -11.28 -18.06
N MET A 147 -9.68 -12.17 -17.11
CA MET A 147 -8.90 -11.87 -15.95
C MET A 147 -7.45 -11.69 -16.41
N ALA A 148 -7.03 -12.53 -17.34
CA ALA A 148 -5.69 -12.40 -17.87
C ALA A 148 -5.54 -11.07 -18.61
N GLU A 149 -6.60 -10.68 -19.29
CA GLU A 149 -6.63 -9.45 -20.02
C GLU A 149 -6.58 -8.35 -18.97
N TYR A 150 -7.34 -8.55 -17.88
CA TYR A 150 -7.40 -7.58 -16.78
C TYR A 150 -6.07 -7.35 -16.02
N ARG A 151 -5.47 -8.42 -15.50
CA ARG A 151 -4.17 -8.33 -14.77
C ARG A 151 -3.04 -7.73 -15.65
N MET A 152 -2.88 -8.24 -16.86
CA MET A 152 -1.90 -7.76 -17.83
C MET A 152 -2.03 -6.26 -18.03
N MET A 153 -3.26 -5.76 -17.93
CA MET A 153 -3.59 -4.36 -18.10
C MET A 153 -3.14 -3.62 -16.86
N ASN A 154 -3.34 -4.23 -15.69
CA ASN A 154 -2.95 -3.59 -14.43
C ASN A 154 -1.48 -3.77 -14.09
N HIS A 155 -0.90 -4.89 -14.53
CA HIS A 155 0.53 -5.14 -14.30
C HIS A 155 1.39 -3.97 -14.70
N ASP A 156 1.29 -3.56 -15.97
CA ASP A 156 2.13 -2.47 -16.50
C ASP A 156 1.83 -1.04 -15.94
N LEU A 157 0.66 -0.72 -15.47
CA LEU A 157 0.51 0.54 -14.78
C LEU A 157 1.39 0.64 -13.56
N TYR A 158 1.88 -0.51 -13.09
CA TYR A 158 2.94 -0.54 -12.09
C TYR A 158 3.56 -1.93 -11.98
N PRO A 159 4.76 -2.08 -12.52
CA PRO A 159 5.63 -3.20 -12.15
C PRO A 159 6.49 -2.88 -10.94
N ASN B 21 -0.86 -32.52 28.69
CA ASN B 21 -0.21 -32.88 27.44
C ASN B 21 -1.13 -32.70 26.24
N TYR B 22 -0.56 -32.30 25.11
CA TYR B 22 -1.33 -32.07 23.89
C TYR B 22 -1.38 -33.33 23.04
N LEU B 23 -1.93 -33.20 21.83
CA LEU B 23 -1.56 -34.07 20.72
C LEU B 23 -1.42 -33.29 19.42
N PHE B 24 -0.55 -33.75 18.54
CA PHE B 24 -0.25 -33.03 17.30
C PHE B 24 -0.70 -33.80 16.06
N GLU B 25 -1.89 -34.39 16.15
CA GLU B 25 -2.48 -35.15 15.07
C GLU B 25 -3.66 -34.31 14.64
N TYR B 26 -3.92 -34.31 13.34
CA TYR B 26 -5.01 -33.53 12.80
C TYR B 26 -6.25 -33.68 13.68
N ALA B 27 -6.74 -32.55 14.22
CA ALA B 27 -7.90 -32.58 15.09
C ALA B 27 -8.86 -31.40 14.87
N PRO B 28 -9.68 -31.43 13.79
CA PRO B 28 -10.64 -30.33 13.48
C PRO B 28 -11.70 -30.14 14.56
N ASP B 29 -12.04 -31.22 15.22
CA ASP B 29 -13.04 -31.24 16.27
C ASP B 29 -12.69 -30.38 17.51
N VAL B 30 -11.45 -29.89 17.63
CA VAL B 30 -11.09 -29.09 18.82
C VAL B 30 -11.52 -27.58 18.70
N LEU B 31 -11.92 -27.17 17.51
CA LEU B 31 -12.38 -25.81 17.25
C LEU B 31 -13.70 -25.44 17.93
N GLU B 32 -13.75 -24.26 18.53
CA GLU B 32 -14.95 -23.78 19.22
C GLU B 32 -15.35 -22.43 18.70
N SER B 33 -16.57 -22.01 19.02
CA SER B 33 -17.03 -20.70 18.57
C SER B 33 -17.93 -20.08 19.62
N PHE B 34 -18.18 -18.79 19.43
CA PHE B 34 -19.08 -18.10 20.31
C PHE B 34 -19.97 -17.22 19.45
N PRO B 35 -21.19 -16.95 19.90
CA PRO B 35 -22.07 -16.10 19.11
C PRO B 35 -21.48 -14.70 18.81
N ASN B 36 -21.69 -14.24 17.58
CA ASN B 36 -21.27 -12.94 17.14
C ASN B 36 -22.28 -11.98 17.67
N LYS B 37 -21.88 -11.20 18.68
CA LYS B 37 -22.76 -10.20 19.29
C LYS B 37 -23.06 -9.02 18.36
N HIS B 38 -22.37 -8.94 17.22
CA HIS B 38 -22.58 -7.83 16.29
C HIS B 38 -22.93 -8.27 14.85
N VAL B 39 -24.02 -9.04 14.75
CA VAL B 39 -24.53 -9.58 13.50
C VAL B 39 -25.04 -8.55 12.49
N ASN B 40 -25.57 -7.45 12.97
CA ASN B 40 -26.16 -6.42 12.09
C ASN B 40 -25.20 -5.54 11.28
N ARG B 41 -23.90 -5.90 11.25
CA ARG B 41 -22.95 -5.12 10.42
C ARG B 41 -21.85 -6.03 9.93
N ASP B 42 -21.19 -5.62 8.85
CA ASP B 42 -20.05 -6.34 8.30
C ASP B 42 -18.76 -5.78 8.79
N TYR B 43 -17.91 -6.67 9.31
CA TYR B 43 -16.58 -6.32 9.78
C TYR B 43 -15.67 -7.53 9.63
N PHE B 44 -14.38 -7.26 9.49
CA PHE B 44 -13.32 -8.25 9.37
C PHE B 44 -12.59 -8.55 10.66
N VAL B 45 -12.17 -9.79 10.78
CA VAL B 45 -11.41 -10.26 11.93
C VAL B 45 -10.30 -11.13 11.35
N LYS B 46 -9.06 -10.68 11.55
CA LYS B 46 -7.88 -11.37 11.06
C LYS B 46 -7.03 -12.00 12.14
N PHE B 47 -6.52 -13.19 11.86
CA PHE B 47 -5.61 -13.85 12.78
C PHE B 47 -4.28 -13.97 12.12
N ASN B 48 -3.24 -13.43 12.76
CA ASN B 48 -1.88 -13.53 12.24
C ASN B 48 -1.37 -14.74 12.95
N CYS B 49 -0.87 -15.73 12.21
CA CYS B 49 -0.38 -16.98 12.80
C CYS B 49 1.01 -17.28 12.29
N PRO B 50 2.05 -16.77 12.99
CA PRO B 50 3.42 -16.94 12.53
C PRO B 50 4.08 -18.22 12.96
N GLU B 51 3.45 -18.96 13.83
CA GLU B 51 4.04 -20.18 14.34
C GLU B 51 3.56 -21.46 13.69
N PHE B 52 2.87 -21.37 12.57
CA PHE B 52 2.39 -22.59 11.97
C PHE B 52 3.55 -23.49 11.51
N THR B 53 3.38 -24.80 11.74
CA THR B 53 4.33 -25.84 11.35
C THR B 53 3.60 -27.17 11.13
N SER B 54 3.99 -27.90 10.09
CA SER B 54 3.40 -29.20 9.82
C SER B 54 4.43 -30.08 9.12
N LEU B 55 3.98 -31.18 8.51
CA LEU B 55 4.98 -32.05 7.82
C LEU B 55 4.77 -32.25 6.31
N ALA B 56 5.84 -32.62 5.62
CA ALA B 56 5.75 -32.94 4.20
C ALA B 56 5.26 -34.38 4.27
N PRO B 57 4.35 -34.76 3.38
CA PRO B 57 3.65 -36.04 3.48
C PRO B 57 4.59 -37.23 3.24
N LYS B 58 5.56 -37.04 2.35
CA LYS B 58 6.50 -38.10 2.01
C LYS B 58 7.68 -38.11 2.96
N THR B 59 8.69 -37.31 2.64
CA THR B 59 9.87 -37.21 3.46
C THR B 59 9.60 -37.26 4.96
N GLY B 60 8.59 -36.52 5.42
CA GLY B 60 8.28 -36.45 6.86
C GLY B 60 8.94 -35.19 7.45
N GLN B 61 9.58 -34.40 6.60
CA GLN B 61 10.27 -33.15 6.99
C GLN B 61 9.34 -32.07 7.49
N PRO B 62 9.73 -31.41 8.61
CA PRO B 62 8.88 -30.34 9.07
C PRO B 62 8.89 -29.23 8.04
N ASP B 63 7.87 -28.37 8.10
CA ASP B 63 7.73 -27.21 7.21
C ASP B 63 7.15 -26.12 8.10
N PHE B 64 7.31 -24.86 7.67
CA PHE B 64 6.85 -23.72 8.46
C PHE B 64 6.25 -22.62 7.64
N ALA B 65 5.31 -21.87 8.25
CA ALA B 65 4.72 -20.78 7.52
C ALA B 65 4.10 -19.80 8.43
N THR B 66 3.78 -18.65 7.86
CA THR B 66 3.05 -17.63 8.59
C THR B 66 1.65 -17.65 7.98
N ILE B 67 0.60 -17.90 8.76
CA ILE B 67 -0.72 -17.94 8.15
C ILE B 67 -1.61 -16.80 8.59
N TYR B 68 -2.19 -16.08 7.60
CA TYR B 68 -3.11 -14.97 7.85
C TYR B 68 -4.50 -15.46 7.42
N ILE B 69 -5.44 -15.35 8.33
CA ILE B 69 -6.82 -15.74 8.13
C ILE B 69 -7.59 -14.48 8.41
N SER B 70 -8.48 -14.13 7.50
CA SER B 70 -9.33 -12.97 7.66
C SER B 70 -10.71 -13.44 7.25
N TYR B 71 -11.70 -13.15 8.07
CA TYR B 71 -13.04 -13.55 7.75
C TYR B 71 -14.02 -12.50 8.23
N ILE B 72 -15.19 -12.49 7.60
CA ILE B 72 -16.30 -11.64 7.95
C ILE B 72 -17.31 -12.59 8.62
N PRO B 73 -17.57 -12.40 9.91
CA PRO B 73 -18.47 -13.31 10.66
C PRO B 73 -19.97 -13.16 10.42
N ASP B 74 -20.69 -14.26 10.50
CA ASP B 74 -22.14 -14.19 10.35
C ASP B 74 -22.66 -14.31 11.76
N GLU B 75 -22.96 -15.53 12.22
CA GLU B 75 -23.50 -15.75 13.58
C GLU B 75 -22.51 -16.36 14.57
N LYS B 76 -21.52 -17.07 14.06
CA LYS B 76 -20.51 -17.69 14.91
C LYS B 76 -19.16 -16.99 14.73
N MET B 77 -18.27 -17.21 15.70
CA MET B 77 -16.92 -16.65 15.69
C MET B 77 -16.00 -17.67 16.28
N VAL B 78 -14.90 -17.99 15.59
CA VAL B 78 -13.92 -18.96 16.11
C VAL B 78 -13.25 -18.41 17.38
N GLU B 79 -13.08 -19.30 18.37
CA GLU B 79 -12.45 -18.89 19.63
C GLU B 79 -10.94 -19.11 19.48
N SER B 80 -10.17 -18.00 19.54
CA SER B 80 -8.69 -18.02 19.27
C SER B 80 -7.88 -19.14 19.94
N LYS B 81 -8.22 -19.51 21.16
CA LYS B 81 -7.50 -20.59 21.83
C LYS B 81 -7.81 -21.89 21.13
N SER B 82 -9.09 -22.11 20.80
CA SER B 82 -9.43 -23.34 20.07
C SER B 82 -8.62 -23.36 18.73
N LEU B 83 -8.57 -22.22 18.03
CA LEU B 83 -7.80 -22.11 16.78
C LEU B 83 -6.33 -22.42 17.02
N LYS B 84 -5.82 -22.03 18.19
CA LYS B 84 -4.45 -22.25 18.55
C LYS B 84 -4.18 -23.75 18.55
N LEU B 85 -4.98 -24.46 19.34
CA LEU B 85 -4.90 -25.93 19.49
C LEU B 85 -5.14 -26.63 18.17
N TYR B 86 -6.02 -26.04 17.38
CA TYR B 86 -6.34 -26.58 16.07
C TYR B 86 -5.14 -26.49 15.16
N LEU B 87 -4.51 -25.32 15.13
CA LEU B 87 -3.31 -25.10 14.29
C LEU B 87 -2.12 -25.91 14.77
N PHE B 88 -2.05 -26.19 16.08
CA PHE B 88 -0.96 -27.02 16.59
C PHE B 88 -1.13 -28.44 16.16
N SER B 89 -2.38 -28.86 15.94
CA SER B 89 -2.67 -30.27 15.55
C SER B 89 -2.02 -30.65 14.24
N PHE B 90 -1.51 -29.68 13.51
CA PHE B 90 -0.86 -30.00 12.27
C PHE B 90 0.61 -30.31 12.47
N ARG B 91 1.11 -30.09 13.67
CA ARG B 91 2.54 -30.28 14.00
C ARG B 91 3.13 -31.61 13.57
N ASN B 92 2.43 -32.72 13.79
CA ASN B 92 3.01 -33.99 13.38
C ASN B 92 2.12 -34.62 12.28
N HIS B 93 1.47 -33.77 11.46
CA HIS B 93 0.58 -34.15 10.34
C HIS B 93 1.13 -33.78 8.97
N GLY B 94 1.27 -34.76 8.08
CA GLY B 94 1.85 -34.53 6.77
C GLY B 94 0.82 -33.99 5.78
N ASP B 95 1.29 -33.16 4.86
CA ASP B 95 0.46 -32.69 3.75
C ASP B 95 1.17 -31.60 2.96
N PHE B 96 0.91 -31.56 1.66
CA PHE B 96 1.30 -30.43 0.83
C PHE B 96 0.70 -29.12 1.36
N HIS B 97 1.31 -28.00 0.99
CA HIS B 97 0.89 -26.70 1.49
C HIS B 97 -0.43 -26.17 0.89
N GLU B 98 -0.71 -26.47 -0.37
CA GLU B 98 -1.94 -25.94 -0.93
C GLU B 98 -3.16 -26.61 -0.31
N ASP B 99 -3.04 -27.89 0.02
CA ASP B 99 -4.14 -28.64 0.63
C ASP B 99 -4.33 -28.10 2.02
N CYS B 100 -3.18 -27.99 2.67
CA CYS B 100 -3.12 -27.52 4.03
C CYS B 100 -3.97 -26.27 4.17
N MET B 101 -3.79 -25.28 3.29
CA MET B 101 -4.57 -24.07 3.46
C MET B 101 -6.06 -24.35 3.24
N ASN B 102 -6.41 -25.12 2.22
CA ASN B 102 -7.81 -25.45 1.94
C ASN B 102 -8.49 -26.12 3.10
N ILE B 103 -7.76 -27.05 3.71
CA ILE B 103 -8.22 -27.83 4.84
C ILE B 103 -8.58 -26.90 6.01
N ILE B 104 -7.71 -25.92 6.25
CA ILE B 104 -7.89 -24.94 7.30
C ILE B 104 -9.08 -24.07 6.96
N MET B 105 -9.24 -23.70 5.71
CA MET B 105 -10.40 -22.86 5.41
C MET B 105 -11.70 -23.69 5.54
N ASN B 106 -11.69 -24.93 5.05
CA ASN B 106 -12.90 -25.74 5.16
C ASN B 106 -13.32 -25.92 6.58
N ASP B 107 -12.38 -26.32 7.41
CA ASP B 107 -12.69 -26.55 8.79
C ASP B 107 -13.27 -25.27 9.40
N LEU B 108 -12.78 -24.11 9.01
CA LEU B 108 -13.37 -22.89 9.60
C LEU B 108 -14.78 -22.61 9.01
N ILE B 109 -14.97 -22.87 7.73
CA ILE B 109 -16.29 -22.66 7.12
C ILE B 109 -17.32 -23.55 7.84
N GLU B 110 -17.00 -24.81 8.09
CA GLU B 110 -17.97 -25.65 8.79
C GLU B 110 -18.24 -25.22 10.19
N LEU B 111 -17.22 -24.70 10.85
CA LEU B 111 -17.37 -24.27 12.20
C LEU B 111 -18.22 -23.05 12.35
N MET B 112 -17.99 -22.10 11.45
CA MET B 112 -18.60 -20.80 11.56
C MET B 112 -19.66 -20.37 10.59
N ASP B 113 -19.65 -20.95 9.39
CA ASP B 113 -20.60 -20.57 8.36
C ASP B 113 -20.46 -19.06 8.16
N PRO B 114 -19.26 -18.59 7.77
CA PRO B 114 -19.01 -17.17 7.60
C PRO B 114 -19.60 -16.55 6.37
N ARG B 115 -19.68 -15.22 6.37
CA ARG B 115 -20.15 -14.49 5.23
C ARG B 115 -19.03 -14.52 4.21
N TYR B 116 -17.81 -14.40 4.72
CA TYR B 116 -16.59 -14.44 3.92
C TYR B 116 -15.37 -14.89 4.74
N ILE B 117 -14.39 -15.50 4.09
CA ILE B 117 -13.22 -15.91 4.80
C ILE B 117 -12.14 -16.20 3.78
N GLU B 118 -10.90 -15.82 4.10
CA GLU B 118 -9.81 -16.09 3.18
C GLU B 118 -8.67 -16.51 4.03
N VAL B 119 -7.77 -17.29 3.45
CA VAL B 119 -6.61 -17.81 4.13
C VAL B 119 -5.40 -17.67 3.24
N TRP B 120 -4.31 -17.12 3.75
CA TRP B 120 -3.12 -16.91 2.94
C TRP B 120 -1.91 -17.45 3.66
N GLY B 121 -1.37 -18.57 3.19
CA GLY B 121 -0.19 -19.16 3.79
C GLY B 121 1.03 -18.62 3.09
N LYS B 122 2.12 -18.47 3.84
CA LYS B 122 3.38 -18.02 3.33
C LYS B 122 4.35 -18.99 3.94
N PHE B 123 4.83 -19.91 3.11
CA PHE B 123 5.77 -20.95 3.60
C PHE B 123 7.23 -20.56 3.36
N THR B 124 8.09 -21.12 4.19
CA THR B 124 9.48 -20.86 4.06
C THR B 124 9.92 -21.77 2.91
N PRO B 125 10.99 -21.38 2.18
CA PRO B 125 11.44 -22.15 1.03
C PRO B 125 12.04 -23.54 1.28
N ARG B 126 11.90 -24.39 0.27
CA ARG B 126 12.43 -25.72 0.18
C ARG B 126 13.06 -25.65 -1.19
N GLY B 127 14.36 -25.92 -1.29
CA GLY B 127 15.06 -25.87 -2.58
C GLY B 127 15.12 -24.48 -3.18
N GLY B 128 15.00 -23.48 -2.31
CA GLY B 128 15.00 -22.08 -2.70
C GLY B 128 13.73 -21.60 -3.37
N ILE B 129 12.66 -22.35 -3.15
CA ILE B 129 11.34 -22.10 -3.73
C ILE B 129 10.27 -22.11 -2.64
N SER B 130 9.50 -21.03 -2.53
CA SER B 130 8.48 -20.96 -1.49
C SER B 130 7.09 -20.90 -2.12
N ILE B 131 6.15 -21.54 -1.48
CA ILE B 131 4.82 -21.59 -2.00
C ILE B 131 3.89 -20.80 -1.09
N ASP B 132 3.16 -19.83 -1.66
CA ASP B 132 2.21 -18.97 -0.94
C ASP B 132 0.74 -19.18 -1.44
N PRO B 133 0.08 -20.21 -0.91
CA PRO B 133 -1.27 -20.55 -1.30
C PRO B 133 -2.32 -19.67 -0.64
N TYR B 134 -3.16 -19.05 -1.47
CA TYR B 134 -4.26 -18.16 -1.08
C TYR B 134 -5.65 -18.71 -1.44
N THR B 135 -6.49 -18.90 -0.45
CA THR B 135 -7.84 -19.41 -0.71
C THR B 135 -8.88 -18.49 -0.07
N ASN B 136 -10.08 -18.43 -0.65
CA ASN B 136 -11.16 -17.62 -0.10
C ASN B 136 -12.57 -18.21 -0.41
N TYR B 137 -13.60 -17.65 0.20
CA TYR B 137 -14.95 -18.14 0.04
C TYR B 137 -16.01 -17.12 0.42
N GLY B 138 -17.07 -17.07 -0.36
CA GLY B 138 -18.21 -16.17 -0.08
C GLY B 138 -19.39 -17.07 0.23
N LYS B 139 -20.33 -16.64 1.09
CA LYS B 139 -21.52 -17.45 1.39
C LYS B 139 -22.20 -17.59 -0.01
N PRO B 140 -22.43 -18.83 -0.48
CA PRO B 140 -22.96 -19.07 -1.84
C PRO B 140 -24.16 -18.20 -2.29
N GLY B 141 -24.02 -17.57 -3.47
CA GLY B 141 -25.08 -16.74 -4.06
C GLY B 141 -25.31 -15.38 -3.43
N THR B 142 -24.74 -15.18 -2.23
CA THR B 142 -24.86 -13.89 -1.56
C THR B 142 -23.87 -12.94 -2.26
N LYS B 143 -23.78 -11.68 -1.80
CA LYS B 143 -22.86 -10.75 -2.46
C LYS B 143 -21.38 -11.00 -2.07
N TYR B 144 -21.16 -11.91 -1.10
CA TYR B 144 -19.79 -12.22 -0.66
C TYR B 144 -19.11 -13.12 -1.69
N GLU B 145 -19.94 -13.87 -2.43
CA GLU B 145 -19.46 -14.78 -3.46
C GLU B 145 -18.77 -13.88 -4.50
N LYS B 146 -19.34 -12.70 -4.73
CA LYS B 146 -18.83 -11.73 -5.68
C LYS B 146 -17.58 -11.05 -5.07
N MET B 147 -17.58 -10.82 -3.76
CA MET B 147 -16.42 -10.28 -3.10
C MET B 147 -15.26 -11.27 -3.27
N ALA B 148 -15.52 -12.56 -3.03
CA ALA B 148 -14.49 -13.59 -3.19
C ALA B 148 -13.96 -13.56 -4.59
N GLU B 149 -14.83 -13.33 -5.56
CA GLU B 149 -14.38 -13.32 -6.93
C GLU B 149 -13.55 -12.06 -7.19
N TYR B 150 -13.92 -10.96 -6.55
CA TYR B 150 -13.20 -9.69 -6.66
C TYR B 150 -11.80 -9.78 -5.99
N ARG B 151 -11.77 -10.28 -4.76
CA ARG B 151 -10.48 -10.43 -4.06
C ARG B 151 -9.61 -11.53 -4.72
N MET B 152 -10.17 -12.38 -5.57
CA MET B 152 -9.39 -13.43 -6.20
C MET B 152 -8.83 -12.91 -7.54
N MET B 153 -9.61 -12.11 -8.27
CA MET B 153 -9.18 -11.52 -9.53
C MET B 153 -8.12 -10.47 -9.27
N ASN B 154 -8.24 -9.84 -8.11
CA ASN B 154 -7.36 -8.79 -7.68
C ASN B 154 -6.38 -9.27 -6.65
N HIS B 155 -6.31 -10.59 -6.46
CA HIS B 155 -5.37 -11.10 -5.48
C HIS B 155 -3.96 -11.03 -6.00
N ASP B 156 -3.12 -10.47 -5.13
CA ASP B 156 -1.69 -10.33 -5.34
C ASP B 156 -1.25 -9.72 -6.67
N LEU B 157 -1.82 -8.59 -7.04
CA LEU B 157 -1.46 -7.88 -8.26
C LEU B 157 -0.02 -7.31 -8.25
N TYR B 158 0.50 -7.02 -7.06
CA TYR B 158 1.84 -6.47 -6.87
C TYR B 158 2.52 -7.25 -5.79
N PRO B 159 3.01 -8.47 -6.09
CA PRO B 159 3.66 -9.37 -5.12
C PRO B 159 4.96 -8.81 -4.48
N GLU B 160 5.10 -9.13 -3.20
CA GLU B 160 6.20 -8.69 -2.36
C GLU B 160 7.54 -9.28 -2.80
N THR B 161 8.62 -8.53 -2.56
CA THR B 161 9.95 -8.98 -2.90
C THR B 161 10.35 -10.04 -1.89
N ILE B 162 10.74 -11.19 -2.41
CA ILE B 162 11.18 -12.35 -1.66
C ILE B 162 12.54 -12.79 -2.19
N ASP B 163 13.53 -12.88 -1.30
CA ASP B 163 14.86 -13.33 -1.69
C ASP B 163 15.30 -14.54 -0.85
N ASN B 164 14.50 -14.87 0.16
CA ASN B 164 14.82 -15.98 1.05
C ASN B 164 15.82 -15.58 2.12
N ARG B 165 15.99 -14.28 2.32
CA ARG B 165 16.72 -13.76 3.47
C ARG B 165 15.76 -13.22 4.53
N ASN C 21 -11.07 12.00 38.05
CA ASN C 21 -9.86 11.18 38.03
C ASN C 21 -9.80 10.27 36.81
N TYR C 22 -9.73 8.97 37.05
CA TYR C 22 -9.75 7.99 35.98
C TYR C 22 -10.54 6.73 36.29
N LEU C 23 -11.72 6.61 35.73
CA LEU C 23 -12.49 5.38 35.80
C LEU C 23 -11.87 4.30 34.91
N PHE C 24 -11.95 3.05 35.37
CA PHE C 24 -11.33 1.94 34.65
C PHE C 24 -12.33 0.81 34.42
N GLU C 25 -13.58 1.19 34.16
CA GLU C 25 -14.58 0.23 33.68
C GLU C 25 -15.64 0.92 32.82
N TYR C 26 -16.10 0.22 31.79
CA TYR C 26 -16.72 0.87 30.64
C TYR C 26 -17.53 2.09 31.07
N ALA C 27 -17.28 3.22 30.41
CA ALA C 27 -17.91 4.48 30.78
C ALA C 27 -18.01 5.42 29.58
N PRO C 28 -18.87 5.07 28.64
CA PRO C 28 -18.99 5.82 27.38
C PRO C 28 -19.58 7.21 27.61
N ASP C 29 -20.00 7.48 28.84
CA ASP C 29 -20.60 8.79 29.19
C ASP C 29 -19.56 9.90 29.21
N VAL C 30 -18.29 9.52 29.37
CA VAL C 30 -17.21 10.49 29.43
C VAL C 30 -16.87 11.10 28.06
N LEU C 31 -17.36 10.51 26.97
CA LEU C 31 -17.11 11.08 25.63
C LEU C 31 -17.83 12.40 25.39
N GLU C 32 -17.08 13.38 24.89
CA GLU C 32 -17.63 14.70 24.55
C GLU C 32 -17.27 15.05 23.12
N SER C 33 -17.84 16.16 22.62
CA SER C 33 -17.61 16.63 21.25
C SER C 33 -17.71 18.14 21.08
N PHE C 34 -17.33 18.60 19.89
CA PHE C 34 -17.43 20.01 19.55
C PHE C 34 -17.86 20.16 18.09
N PRO C 35 -18.60 21.24 17.79
CA PRO C 35 -19.10 21.53 16.46
C PRO C 35 -18.02 21.45 15.39
N ASN C 36 -18.39 20.95 14.21
CA ASN C 36 -17.48 20.82 13.10
C ASN C 36 -17.45 22.17 12.43
N LYS C 37 -16.32 22.84 12.49
CA LYS C 37 -16.22 24.17 11.85
C LYS C 37 -16.09 24.09 10.31
N HIS C 38 -15.86 22.91 9.77
CA HIS C 38 -15.76 22.75 8.32
C HIS C 38 -16.73 21.69 7.75
N VAL C 39 -17.98 21.74 8.21
CA VAL C 39 -19.04 20.85 7.77
C VAL C 39 -19.17 20.67 6.25
N ASN C 40 -18.85 21.72 5.50
CA ASN C 40 -19.05 21.65 4.05
C ASN C 40 -18.00 21.00 3.20
N ARG C 41 -17.23 20.09 3.77
CA ARG C 41 -16.28 19.31 2.95
C ARG C 41 -15.88 18.12 3.79
N ASP C 42 -15.64 17.00 3.10
CA ASP C 42 -15.27 15.74 3.70
C ASP C 42 -13.78 15.65 3.96
N TYR C 43 -13.40 15.22 5.16
CA TYR C 43 -11.98 15.08 5.49
C TYR C 43 -11.82 14.05 6.58
N PHE C 44 -10.75 13.25 6.53
CA PHE C 44 -10.45 12.24 7.56
C PHE C 44 -9.69 12.80 8.78
N VAL C 45 -10.06 12.31 9.94
CA VAL C 45 -9.37 12.67 11.13
C VAL C 45 -9.13 11.33 11.77
N LYS C 46 -7.84 10.98 11.88
CA LYS C 46 -7.36 9.72 12.46
C LYS C 46 -6.73 9.83 13.87
N PHE C 47 -7.09 8.91 14.74
CA PHE C 47 -6.52 8.84 16.08
C PHE C 47 -5.65 7.61 16.23
N ASN C 48 -4.34 7.82 16.40
CA ASN C 48 -3.44 6.74 16.61
C ASN C 48 -3.52 6.53 18.12
N CYS C 49 -3.95 5.34 18.56
CA CYS C 49 -4.10 5.05 19.98
C CYS C 49 -3.28 3.84 20.35
N PRO C 50 -1.96 4.01 20.47
CA PRO C 50 -1.13 2.80 20.72
C PRO C 50 -0.99 2.38 22.17
N GLU C 51 -1.65 3.10 23.07
CA GLU C 51 -1.56 2.82 24.50
C GLU C 51 -2.83 2.18 25.08
N PHE C 52 -3.62 1.55 24.22
CA PHE C 52 -4.86 0.93 24.66
C PHE C 52 -4.63 -0.40 25.39
N THR C 53 -5.50 -0.74 26.32
CA THR C 53 -5.41 -2.00 27.09
C THR C 53 -6.73 -2.33 27.85
N SER C 54 -7.02 -3.63 27.97
CA SER C 54 -8.24 -4.13 28.62
C SER C 54 -8.03 -5.56 29.13
N LEU C 55 -9.08 -6.20 29.64
CA LEU C 55 -8.98 -7.57 30.15
C LEU C 55 -9.74 -8.62 29.34
N ALA C 56 -9.40 -9.89 29.54
CA ALA C 56 -10.06 -11.01 28.89
C ALA C 56 -11.20 -11.44 29.83
N PRO C 57 -12.46 -11.48 29.33
CA PRO C 57 -13.68 -11.77 30.12
C PRO C 57 -13.57 -12.91 31.17
N LYS C 58 -13.17 -14.11 30.77
CA LYS C 58 -13.11 -15.22 31.75
C LYS C 58 -11.86 -15.20 32.67
N THR C 59 -10.66 -15.27 32.09
CA THR C 59 -9.40 -15.28 32.87
C THR C 59 -9.11 -14.04 33.71
N GLY C 60 -9.32 -12.86 33.14
CA GLY C 60 -9.05 -11.62 33.83
C GLY C 60 -7.71 -11.06 33.38
N GLN C 61 -6.93 -11.88 32.69
CA GLN C 61 -5.60 -11.53 32.14
C GLN C 61 -5.74 -10.30 31.26
N PRO C 62 -4.71 -9.44 31.18
CA PRO C 62 -4.79 -8.21 30.35
C PRO C 62 -4.29 -8.36 28.91
N ASP C 63 -4.71 -7.44 28.04
CA ASP C 63 -4.31 -7.45 26.63
C ASP C 63 -3.99 -6.02 26.18
N PHE C 64 -3.26 -5.89 25.09
CA PHE C 64 -2.86 -4.59 24.61
C PHE C 64 -3.00 -4.54 23.12
N ALA C 65 -3.26 -3.31 22.63
CA ALA C 65 -3.43 -3.06 21.20
C ALA C 65 -3.05 -1.65 20.85
N THR C 66 -3.01 -1.38 19.55
CA THR C 66 -2.81 -0.08 18.97
C THR C 66 -4.08 0.05 18.17
N ILE C 67 -4.81 1.11 18.36
CA ILE C 67 -6.05 1.28 17.63
C ILE C 67 -6.02 2.52 16.79
N TYR C 68 -6.42 2.36 15.51
CA TYR C 68 -6.47 3.43 14.53
C TYR C 68 -7.92 3.76 14.26
N ILE C 69 -8.31 4.98 14.54
CA ILE C 69 -9.67 5.33 14.33
C ILE C 69 -9.70 6.47 13.38
N SER C 70 -10.14 6.20 12.14
CA SER C 70 -10.26 7.22 11.11
C SER C 70 -11.74 7.50 10.92
N TYR C 71 -12.12 8.76 10.74
CA TYR C 71 -13.52 9.08 10.53
C TYR C 71 -13.71 10.37 9.74
N ILE C 72 -14.81 10.45 9.02
CA ILE C 72 -15.14 11.64 8.24
C ILE C 72 -16.30 12.26 9.02
N PRO C 73 -16.08 13.44 9.59
CA PRO C 73 -17.11 14.05 10.45
C PRO C 73 -18.31 14.69 9.75
N ASP C 74 -19.41 14.81 10.47
CA ASP C 74 -20.60 15.46 9.94
C ASP C 74 -20.68 16.82 10.64
N GLU C 75 -21.30 16.88 11.81
CA GLU C 75 -21.45 18.16 12.53
C GLU C 75 -20.76 18.08 13.91
N LYS C 76 -20.56 16.88 14.40
CA LYS C 76 -19.92 16.72 15.69
C LYS C 76 -18.58 16.01 15.54
N MET C 77 -17.62 16.38 16.39
CA MET C 77 -16.29 15.78 16.36
C MET C 77 -15.89 15.38 17.75
N VAL C 78 -15.40 14.16 17.93
CA VAL C 78 -15.03 13.73 19.29
C VAL C 78 -13.86 14.59 19.81
N GLU C 79 -13.95 14.96 21.10
CA GLU C 79 -12.94 15.76 21.77
C GLU C 79 -11.85 14.79 22.23
N SER C 80 -10.62 15.07 21.80
CA SER C 80 -9.44 14.23 22.07
C SER C 80 -9.26 13.72 23.49
N LYS C 81 -9.21 14.63 24.45
CA LYS C 81 -8.99 14.24 25.82
C LYS C 81 -10.07 13.28 26.26
N SER C 82 -11.31 13.52 25.84
CA SER C 82 -12.41 12.68 26.28
C SER C 82 -12.24 11.30 25.65
N LEU C 83 -11.68 11.25 24.43
CA LEU C 83 -11.44 9.96 23.77
C LEU C 83 -10.47 9.18 24.63
N LYS C 84 -9.42 9.86 25.07
CA LYS C 84 -8.40 9.26 25.94
C LYS C 84 -9.09 8.70 27.18
N LEU C 85 -9.93 9.54 27.80
CA LEU C 85 -10.67 9.18 29.02
C LEU C 85 -11.55 7.97 28.77
N TYR C 86 -12.12 7.88 27.57
CA TYR C 86 -12.95 6.76 27.16
C TYR C 86 -12.15 5.48 26.96
N LEU C 87 -10.95 5.57 26.40
CA LEU C 87 -10.17 4.35 26.21
C LEU C 87 -9.56 3.92 27.52
N PHE C 88 -9.43 4.82 28.52
CA PHE C 88 -8.88 4.34 29.79
C PHE C 88 -9.94 3.50 30.46
N SER C 89 -11.20 3.83 30.20
CA SER C 89 -12.30 3.09 30.80
C SER C 89 -12.31 1.63 30.39
N PHE C 90 -11.42 1.17 29.54
CA PHE C 90 -11.46 -0.25 29.23
C PHE C 90 -10.37 -1.00 29.98
N ARG C 91 -9.53 -0.27 30.72
CA ARG C 91 -8.43 -0.88 31.49
C ARG C 91 -8.83 -2.03 32.43
N ASN C 92 -9.92 -1.89 33.16
CA ASN C 92 -10.36 -2.96 34.07
C ASN C 92 -11.61 -3.71 33.58
N HIS C 93 -11.86 -3.63 32.27
CA HIS C 93 -13.04 -4.25 31.64
C HIS C 93 -12.74 -5.47 30.77
N GLY C 94 -13.45 -6.58 31.04
CA GLY C 94 -13.28 -7.82 30.28
C GLY C 94 -14.17 -7.91 29.05
N ASP C 95 -13.56 -8.13 27.88
N ASP C 95 -13.56 -8.04 27.83
CA ASP C 95 -14.28 -8.23 26.61
CA ASP C 95 -14.28 -8.15 26.56
C ASP C 95 -13.39 -8.90 25.56
C ASP C 95 -13.39 -8.82 25.51
N PHE C 96 -13.96 -9.31 24.43
CA PHE C 96 -13.14 -9.88 23.36
C PHE C 96 -12.69 -8.72 22.47
N HIS C 97 -11.70 -8.98 21.62
CA HIS C 97 -11.14 -7.89 20.80
C HIS C 97 -12.11 -7.42 19.75
N GLU C 98 -12.78 -8.37 19.12
CA GLU C 98 -13.79 -8.09 18.10
C GLU C 98 -14.93 -7.27 18.70
N ASP C 99 -15.43 -7.71 19.85
CA ASP C 99 -16.52 -7.02 20.51
C ASP C 99 -16.07 -5.65 20.82
N CYS C 100 -14.92 -5.61 21.48
CA CYS C 100 -14.32 -4.39 21.92
C CYS C 100 -14.24 -3.33 20.81
N MET C 101 -13.71 -3.73 19.66
CA MET C 101 -13.57 -2.79 18.53
C MET C 101 -14.96 -2.30 18.06
N ASN C 102 -15.94 -3.21 17.98
CA ASN C 102 -17.32 -2.76 17.60
C ASN C 102 -17.94 -1.84 18.64
N ILE C 103 -17.70 -2.15 19.93
CA ILE C 103 -18.25 -1.32 21.01
C ILE C 103 -17.70 0.09 20.86
N ILE C 104 -16.39 0.20 20.61
CA ILE C 104 -15.78 1.52 20.43
C ILE C 104 -16.52 2.24 19.32
N MET C 105 -16.54 1.70 18.12
CA MET C 105 -17.24 2.40 17.04
C MET C 105 -18.69 2.81 17.41
N ASN C 106 -19.49 1.89 17.95
CA ASN C 106 -20.88 2.24 18.30
C ASN C 106 -21.02 3.56 19.08
N ASP C 107 -20.19 3.72 20.11
CA ASP C 107 -20.29 4.86 21.01
C ASP C 107 -19.48 6.07 20.54
N LEU C 108 -18.82 5.95 19.39
CA LEU C 108 -18.41 7.12 18.62
C LEU C 108 -19.50 7.49 17.64
N ILE C 109 -20.08 6.48 16.97
CA ILE C 109 -21.15 6.72 16.02
C ILE C 109 -22.29 7.47 16.69
N GLU C 110 -22.73 6.95 17.83
CA GLU C 110 -23.83 7.55 18.58
C GLU C 110 -23.50 8.95 19.13
N LEU C 111 -22.24 9.20 19.41
CA LEU C 111 -21.81 10.47 19.91
C LEU C 111 -21.74 11.53 18.83
N MET C 112 -21.13 11.17 17.70
CA MET C 112 -20.90 12.13 16.61
C MET C 112 -21.83 12.11 15.41
N ASP C 113 -22.39 10.94 15.07
CA ASP C 113 -23.26 10.84 13.90
C ASP C 113 -22.40 11.21 12.68
N PRO C 114 -21.25 10.51 12.48
CA PRO C 114 -20.31 10.79 11.39
C PRO C 114 -20.79 10.40 10.00
N ARG C 115 -20.12 10.87 8.96
CA ARG C 115 -20.46 10.44 7.62
C ARG C 115 -19.85 9.03 7.46
N TYR C 116 -18.62 8.85 7.93
CA TYR C 116 -17.92 7.57 7.87
C TYR C 116 -17.02 7.41 9.09
N ILE C 117 -16.77 6.17 9.48
CA ILE C 117 -15.87 5.88 10.61
C ILE C 117 -15.46 4.40 10.53
N GLU C 118 -14.23 4.12 10.96
CA GLU C 118 -13.69 2.78 10.98
C GLU C 118 -12.75 2.64 12.14
N VAL C 119 -12.68 1.43 12.70
CA VAL C 119 -11.84 1.11 13.83
C VAL C 119 -10.98 -0.14 13.54
N TRP C 120 -9.67 0.03 13.51
CA TRP C 120 -8.78 -1.08 13.23
C TRP C 120 -7.89 -1.25 14.42
N GLY C 121 -8.03 -2.38 15.11
CA GLY C 121 -7.24 -2.63 16.26
C GLY C 121 -6.25 -3.72 15.93
N LYS C 122 -5.06 -3.61 16.50
CA LYS C 122 -4.02 -4.58 16.26
C LYS C 122 -3.56 -5.06 17.62
N PHE C 123 -3.96 -6.27 18.01
CA PHE C 123 -3.59 -6.81 19.34
C PHE C 123 -2.32 -7.66 19.39
N THR C 124 -1.69 -7.59 20.55
CA THR C 124 -0.49 -8.37 20.81
C THR C 124 -0.99 -9.82 21.01
N PRO C 125 -0.25 -10.78 20.43
CA PRO C 125 -0.64 -12.21 20.46
C PRO C 125 -0.71 -12.96 21.79
N ARG C 126 -1.57 -13.97 21.82
CA ARG C 126 -1.74 -14.92 22.93
C ARG C 126 -1.66 -16.28 22.25
N GLY C 127 -1.00 -17.25 22.88
CA GLY C 127 -0.85 -18.56 22.28
C GLY C 127 -0.30 -18.45 20.86
N GLY C 128 0.60 -17.50 20.64
CA GLY C 128 1.21 -17.26 19.33
C GLY C 128 0.30 -16.67 18.25
N ILE C 129 -0.84 -16.09 18.62
CA ILE C 129 -1.81 -15.58 17.64
C ILE C 129 -2.33 -14.18 17.93
N SER C 130 -2.20 -13.30 16.93
CA SER C 130 -2.67 -11.92 17.05
C SER C 130 -4.01 -11.73 16.32
N ILE C 131 -4.91 -10.95 16.92
CA ILE C 131 -6.22 -10.68 16.38
C ILE C 131 -6.40 -9.19 15.98
N ASP C 132 -6.60 -8.92 14.69
CA ASP C 132 -6.73 -7.55 14.23
C ASP C 132 -8.12 -7.27 13.70
N PRO C 133 -9.07 -6.97 14.60
CA PRO C 133 -10.41 -6.74 14.05
C PRO C 133 -10.51 -5.37 13.42
N TYR C 134 -11.21 -5.35 12.29
CA TYR C 134 -11.47 -4.13 11.53
C TYR C 134 -12.98 -4.01 11.24
N THR C 135 -13.54 -2.85 11.54
CA THR C 135 -14.95 -2.64 11.33
C THR C 135 -15.17 -1.24 10.85
N ASN C 136 -16.23 -1.00 10.09
CA ASN C 136 -16.47 0.36 9.61
C ASN C 136 -17.97 0.63 9.39
N TYR C 137 -18.28 1.88 9.06
CA TYR C 137 -19.63 2.35 8.90
C TYR C 137 -19.75 3.69 8.17
N GLY C 138 -20.83 3.83 7.42
CA GLY C 138 -21.13 5.06 6.66
C GLY C 138 -22.62 5.31 6.86
N LYS C 139 -23.05 6.58 6.89
CA LYS C 139 -24.50 6.85 7.11
C LYS C 139 -25.38 5.99 6.17
N PRO C 140 -26.41 5.32 6.75
CA PRO C 140 -27.32 4.47 5.98
C PRO C 140 -27.89 5.23 4.80
N GLY C 141 -27.79 4.62 3.61
CA GLY C 141 -28.31 5.17 2.34
C GLY C 141 -27.63 6.31 1.61
N THR C 142 -26.48 6.77 2.12
CA THR C 142 -25.72 7.85 1.50
C THR C 142 -24.54 7.23 0.85
N LYS C 143 -23.74 8.06 0.16
CA LYS C 143 -22.52 7.61 -0.54
C LYS C 143 -21.43 7.08 0.41
N TYR C 144 -21.60 7.38 1.70
CA TYR C 144 -20.65 6.94 2.72
C TYR C 144 -20.89 5.48 2.97
N GLU C 145 -22.08 4.99 2.62
CA GLU C 145 -22.35 3.58 2.80
C GLU C 145 -21.63 2.82 1.69
N LYS C 146 -21.56 3.43 0.51
CA LYS C 146 -20.83 2.80 -0.59
C LYS C 146 -19.33 2.74 -0.22
N MET C 147 -18.86 3.79 0.48
CA MET C 147 -17.49 3.88 0.92
C MET C 147 -17.22 2.79 1.91
N ALA C 148 -18.11 2.65 2.88
CA ALA C 148 -17.93 1.64 3.90
C ALA C 148 -17.81 0.28 3.20
N GLU C 149 -18.59 0.09 2.14
CA GLU C 149 -18.55 -1.17 1.39
C GLU C 149 -17.23 -1.32 0.62
N TYR C 150 -16.82 -0.25 -0.03
CA TYR C 150 -15.60 -0.25 -0.76
C TYR C 150 -14.44 -0.59 0.17
N ARG C 151 -14.21 0.27 1.16
CA ARG C 151 -13.11 0.08 2.12
C ARG C 151 -13.13 -1.30 2.83
N MET C 152 -14.30 -1.92 2.93
CA MET C 152 -14.40 -3.23 3.59
C MET C 152 -14.05 -4.31 2.58
N MET C 153 -14.61 -4.17 1.38
CA MET C 153 -14.32 -5.16 0.36
C MET C 153 -12.83 -5.14 0.00
N ASN C 154 -12.23 -3.95 -0.09
CA ASN C 154 -10.81 -3.85 -0.45
C ASN C 154 -9.86 -3.82 0.75
N HIS C 155 -10.41 -4.08 1.94
CA HIS C 155 -9.66 -4.09 3.17
C HIS C 155 -8.60 -5.15 3.29
N ASP C 156 -7.44 -4.68 3.75
CA ASP C 156 -6.29 -5.51 4.04
C ASP C 156 -6.04 -6.51 2.93
N LEU C 157 -6.02 -6.02 1.70
CA LEU C 157 -5.74 -6.86 0.56
C LEU C 157 -4.34 -7.43 0.70
N TYR C 158 -3.38 -6.63 1.13
CA TYR C 158 -2.00 -7.08 1.36
C TYR C 158 -1.70 -7.02 2.86
N PRO C 159 -1.98 -8.12 3.58
CA PRO C 159 -1.73 -8.11 5.02
C PRO C 159 -0.26 -7.90 5.30
N GLU C 160 0.03 -7.23 6.41
CA GLU C 160 1.39 -6.89 6.82
C GLU C 160 2.08 -8.06 7.50
N THR C 161 3.39 -8.14 7.33
CA THR C 161 4.18 -9.24 7.92
C THR C 161 4.32 -9.23 9.47
N ILE C 162 3.84 -10.30 10.12
CA ILE C 162 3.93 -10.44 11.57
C ILE C 162 4.81 -11.69 11.88
N ASP C 163 5.76 -11.52 12.82
CA ASP C 163 6.67 -12.61 13.27
C ASP C 163 6.56 -12.74 14.77
N ASN C 164 5.80 -11.81 15.38
CA ASN C 164 5.60 -11.72 16.84
C ASN C 164 6.82 -11.20 17.59
N ARG C 165 7.62 -10.38 16.92
CA ARG C 165 8.79 -9.72 17.45
C ARG C 165 8.60 -8.32 17.02
N ASN D 21 11.55 40.54 11.36
CA ASN D 21 10.85 40.15 12.58
C ASN D 21 9.50 39.63 12.07
N TYR D 22 9.18 38.38 12.46
CA TYR D 22 7.98 37.64 12.04
C TYR D 22 6.79 37.74 12.97
N LEU D 23 5.58 37.66 12.41
CA LEU D 23 4.37 37.66 13.24
C LEU D 23 4.02 36.23 13.55
N PHE D 24 3.72 35.95 14.81
CA PHE D 24 3.33 34.59 15.21
C PHE D 24 1.81 34.60 15.45
N GLU D 25 1.17 35.64 14.92
CA GLU D 25 -0.27 35.79 14.98
C GLU D 25 -0.79 35.45 13.59
N TYR D 26 -1.76 34.56 13.50
CA TYR D 26 -2.29 34.10 12.23
C TYR D 26 -2.33 35.20 11.23
N ALA D 27 -1.64 34.99 10.11
CA ALA D 27 -1.56 35.99 9.05
C ALA D 27 -1.49 35.40 7.64
N PRO D 28 -2.68 35.17 7.05
CA PRO D 28 -2.84 34.64 5.69
C PRO D 28 -2.30 35.57 4.60
N ASP D 29 -2.34 36.86 4.83
CA ASP D 29 -1.86 37.84 3.83
C ASP D 29 -0.36 37.79 3.51
N VAL D 30 0.42 36.98 4.23
CA VAL D 30 1.85 36.88 3.97
C VAL D 30 2.13 36.01 2.75
N LEU D 31 1.17 35.14 2.42
CA LEU D 31 1.28 34.25 1.27
C LEU D 31 1.47 34.98 -0.08
N GLU D 32 2.30 34.41 -0.93
CA GLU D 32 2.55 34.93 -2.24
C GLU D 32 2.47 33.81 -3.24
N SER D 33 2.45 34.20 -4.51
CA SER D 33 2.38 33.28 -5.62
C SER D 33 3.25 33.81 -6.73
N PHE D 34 3.50 32.95 -7.72
CA PHE D 34 4.26 33.31 -8.92
C PHE D 34 3.58 32.60 -10.11
N PRO D 35 3.77 33.09 -11.35
CA PRO D 35 3.04 32.39 -12.42
C PRO D 35 3.57 30.97 -12.68
N ASN D 36 2.71 30.11 -13.24
CA ASN D 36 3.05 28.74 -13.58
C ASN D 36 3.69 28.66 -14.96
N LYS D 37 4.87 28.13 -15.08
CA LYS D 37 5.49 28.10 -16.41
C LYS D 37 5.12 26.89 -17.26
N HIS D 38 4.31 26.00 -16.69
CA HIS D 38 3.90 24.81 -17.39
C HIS D 38 2.41 24.54 -17.12
N VAL D 39 1.58 25.54 -17.37
CA VAL D 39 0.15 25.42 -17.16
C VAL D 39 -0.42 24.20 -17.88
N ASN D 40 -0.18 24.12 -19.18
CA ASN D 40 -0.77 23.08 -20.01
C ASN D 40 -0.25 21.69 -19.67
N ARG D 41 -0.19 21.39 -18.38
CA ARG D 41 0.26 20.09 -17.92
C ARG D 41 -0.02 19.90 -16.45
N ASP D 42 -0.44 18.70 -16.08
CA ASP D 42 -0.73 18.39 -14.68
C ASP D 42 0.47 17.80 -13.96
N TYR D 43 0.99 18.50 -12.94
CA TYR D 43 2.12 17.95 -12.14
C TYR D 43 1.86 18.20 -10.67
N PHE D 44 2.43 17.32 -9.84
CA PHE D 44 2.37 17.44 -8.37
C PHE D 44 3.54 18.17 -7.82
N VAL D 45 3.31 18.85 -6.71
CA VAL D 45 4.38 19.56 -6.05
C VAL D 45 4.07 19.44 -4.58
N LYS D 46 4.99 18.79 -3.88
CA LYS D 46 4.83 18.58 -2.45
C LYS D 46 5.75 19.46 -1.58
N PHE D 47 5.17 19.93 -0.48
CA PHE D 47 5.89 20.71 0.52
C PHE D 47 5.93 19.92 1.80
N ASN D 48 7.13 19.54 2.25
CA ASN D 48 7.32 18.81 3.50
C ASN D 48 7.66 19.85 4.49
N CYS D 49 6.83 19.92 5.53
CA CYS D 49 6.93 20.92 6.56
C CYS D 49 7.00 20.29 7.93
N PRO D 50 8.17 19.74 8.30
CA PRO D 50 8.31 19.09 9.60
C PRO D 50 8.47 20.07 10.78
N GLU D 51 8.48 21.38 10.52
CA GLU D 51 8.69 22.35 11.62
C GLU D 51 7.43 23.15 12.01
N PHE D 52 6.27 22.53 11.87
CA PHE D 52 5.05 23.26 12.23
C PHE D 52 4.70 23.12 13.71
N THR D 53 4.35 24.24 14.31
CA THR D 53 3.92 24.29 15.71
C THR D 53 2.90 25.41 15.93
N SER D 54 1.92 25.12 16.78
CA SER D 54 0.87 26.07 17.14
C SER D 54 0.48 25.86 18.60
N LEU D 55 -0.55 26.57 19.05
CA LEU D 55 -0.97 26.40 20.44
C LEU D 55 -2.37 25.81 20.52
N ALA D 56 -2.69 25.19 21.65
CA ALA D 56 -4.01 24.63 21.92
C ALA D 56 -4.95 25.80 22.26
N PRO D 57 -6.25 25.67 21.99
CA PRO D 57 -7.11 26.85 22.27
C PRO D 57 -7.44 27.13 23.75
N LYS D 58 -7.74 26.08 24.50
CA LYS D 58 -8.09 26.31 25.90
C LYS D 58 -6.87 26.65 26.80
N THR D 59 -5.82 25.84 26.68
CA THR D 59 -4.63 25.95 27.53
C THR D 59 -3.45 26.81 27.07
N GLY D 60 -3.28 26.97 25.78
CA GLY D 60 -2.15 27.72 25.24
C GLY D 60 -0.95 26.78 25.12
N GLN D 61 -1.14 25.51 25.49
CA GLN D 61 -0.11 24.46 25.44
C GLN D 61 0.31 24.21 23.98
N PRO D 62 1.62 24.28 23.69
CA PRO D 62 2.18 24.06 22.36
C PRO D 62 1.88 22.70 21.78
N ASP D 63 1.64 22.64 20.46
CA ASP D 63 1.39 21.39 19.76
C ASP D 63 2.40 21.33 18.63
N PHE D 64 2.71 20.13 18.14
CA PHE D 64 3.69 19.94 17.06
C PHE D 64 3.22 18.96 15.98
N ALA D 65 3.64 19.23 14.74
CA ALA D 65 3.26 18.43 13.59
C ALA D 65 4.17 18.56 12.41
N THR D 66 4.19 17.49 11.61
CA THR D 66 4.90 17.46 10.33
C THR D 66 3.73 17.61 9.37
N ILE D 67 3.83 18.51 8.39
CA ILE D 67 2.70 18.64 7.48
C ILE D 67 3.14 18.45 6.05
N TYR D 68 2.38 17.64 5.31
CA TYR D 68 2.67 17.40 3.91
C TYR D 68 1.53 18.04 3.14
N ILE D 69 1.91 18.92 2.21
CA ILE D 69 1.02 19.65 1.36
C ILE D 69 1.40 19.33 -0.06
N SER D 70 0.49 18.63 -0.76
CA SER D 70 0.71 18.27 -2.17
C SER D 70 -0.43 18.82 -3.04
N TYR D 71 -0.07 19.48 -4.12
CA TYR D 71 -1.09 20.04 -4.92
C TYR D 71 -0.67 20.09 -6.36
N ILE D 72 -1.66 20.13 -7.26
CA ILE D 72 -1.48 20.26 -8.69
C ILE D 72 -1.85 21.72 -9.01
N PRO D 73 -0.92 22.49 -9.58
CA PRO D 73 -1.33 23.89 -9.81
C PRO D 73 -2.02 24.21 -11.16
N ASP D 74 -2.61 25.41 -11.21
CA ASP D 74 -3.23 25.95 -12.43
C ASP D 74 -2.31 27.10 -12.85
N GLU D 75 -2.74 28.36 -12.66
CA GLU D 75 -1.94 29.52 -13.01
C GLU D 75 -0.97 29.96 -11.90
N LYS D 76 -1.48 30.03 -10.67
CA LYS D 76 -0.70 30.51 -9.52
C LYS D 76 0.01 29.45 -8.60
N MET D 77 1.30 29.66 -8.35
CA MET D 77 2.05 28.75 -7.48
C MET D 77 2.52 29.45 -6.20
N VAL D 78 2.37 28.75 -5.07
CA VAL D 78 2.78 29.25 -3.78
C VAL D 78 4.32 29.29 -3.66
N GLU D 79 4.84 30.47 -3.35
CA GLU D 79 6.27 30.67 -3.17
C GLU D 79 6.61 30.15 -1.74
N SER D 80 7.61 29.27 -1.62
CA SER D 80 7.88 28.61 -0.31
C SER D 80 8.28 29.56 0.88
N LYS D 81 9.00 30.64 0.62
CA LYS D 81 9.32 31.56 1.70
C LYS D 81 8.02 32.03 2.34
N SER D 82 7.04 32.40 1.53
CA SER D 82 5.77 32.86 2.07
C SER D 82 5.06 31.75 2.79
N LEU D 83 5.26 30.53 2.31
CA LEU D 83 4.60 29.39 2.93
C LEU D 83 5.16 29.33 4.33
N LYS D 84 6.49 29.40 4.42
CA LYS D 84 7.25 29.40 5.68
C LYS D 84 6.78 30.49 6.61
N LEU D 85 6.54 31.68 6.06
CA LEU D 85 6.07 32.80 6.90
C LEU D 85 4.67 32.58 7.35
N TYR D 86 3.86 31.97 6.48
CA TYR D 86 2.47 31.67 6.81
C TYR D 86 2.47 30.55 7.85
N LEU D 87 3.33 29.56 7.69
CA LEU D 87 3.33 28.49 8.70
C LEU D 87 3.83 29.05 10.05
N PHE D 88 4.76 30.00 10.02
CA PHE D 88 5.24 30.59 11.27
C PHE D 88 4.15 31.42 11.94
N SER D 89 3.19 31.93 11.16
CA SER D 89 2.15 32.78 11.77
C SER D 89 1.18 31.98 12.66
N PHE D 90 1.44 30.70 12.87
CA PHE D 90 0.55 29.91 13.74
C PHE D 90 1.13 29.67 15.10
N ARG D 91 2.38 30.06 15.31
CA ARG D 91 3.10 29.82 16.57
C ARG D 91 2.34 30.29 17.82
N ASN D 92 1.70 31.44 17.76
CA ASN D 92 0.91 31.93 18.92
C ASN D 92 -0.59 31.71 18.77
N HIS D 93 -0.98 31.15 17.63
CA HIS D 93 -2.38 30.92 17.36
C HIS D 93 -2.82 29.61 17.98
N GLY D 94 -3.88 29.71 18.77
CA GLY D 94 -4.47 28.57 19.45
C GLY D 94 -5.72 28.04 18.76
N ASP D 95 -5.57 27.00 17.94
CA ASP D 95 -6.66 26.35 17.20
C ASP D 95 -6.54 24.83 17.29
N PHE D 96 -7.62 24.10 16.98
CA PHE D 96 -7.61 22.64 17.00
C PHE D 96 -6.89 22.07 15.76
N HIS D 97 -6.35 20.85 15.85
CA HIS D 97 -5.60 20.28 14.70
C HIS D 97 -6.43 20.16 13.42
N GLU D 98 -7.62 19.55 13.50
CA GLU D 98 -8.47 19.38 12.30
C GLU D 98 -8.76 20.74 11.60
N ASP D 99 -9.02 21.76 12.39
CA ASP D 99 -9.27 23.11 11.91
C ASP D 99 -8.11 23.72 11.22
N CYS D 100 -6.99 23.47 11.84
CA CYS D 100 -5.74 23.97 11.44
C CYS D 100 -5.44 23.51 10.01
N MET D 101 -5.54 22.19 9.75
CA MET D 101 -5.23 21.67 8.39
C MET D 101 -6.15 22.28 7.35
N ASN D 102 -7.42 22.31 7.69
CA ASN D 102 -8.48 22.88 6.86
C ASN D 102 -8.32 24.37 6.58
N ILE D 103 -7.89 25.15 7.58
CA ILE D 103 -7.65 26.60 7.37
C ILE D 103 -6.44 26.77 6.44
N ILE D 104 -5.43 25.95 6.66
CA ILE D 104 -4.25 25.94 5.85
C ILE D 104 -4.60 25.66 4.41
N MET D 105 -5.65 24.86 4.19
CA MET D 105 -6.03 24.49 2.82
C MET D 105 -6.85 25.56 2.20
N ASN D 106 -7.78 26.12 2.95
CA ASN D 106 -8.61 27.18 2.39
C ASN D 106 -7.79 28.36 1.92
N ASP D 107 -6.85 28.82 2.75
CA ASP D 107 -6.07 29.99 2.39
C ASP D 107 -5.20 29.68 1.20
N LEU D 108 -4.71 28.44 1.11
CA LEU D 108 -3.91 28.07 -0.08
C LEU D 108 -4.78 27.99 -1.34
N ILE D 109 -6.05 27.61 -1.17
CA ILE D 109 -6.98 27.52 -2.31
C ILE D 109 -7.31 28.91 -2.86
N GLU D 110 -7.49 29.83 -1.94
CA GLU D 110 -7.82 31.19 -2.27
C GLU D 110 -6.60 31.85 -2.90
N LEU D 111 -5.42 31.47 -2.40
CA LEU D 111 -4.22 32.04 -2.92
C LEU D 111 -3.91 31.65 -4.37
N MET D 112 -4.05 30.36 -4.65
CA MET D 112 -3.68 29.78 -5.96
C MET D 112 -4.77 29.37 -6.93
N ASP D 113 -5.94 29.00 -6.40
CA ASP D 113 -7.03 28.50 -7.23
C ASP D 113 -6.42 27.31 -8.00
N PRO D 114 -6.07 26.24 -7.25
CA PRO D 114 -5.41 25.09 -7.84
C PRO D 114 -6.36 24.04 -8.32
N ARG D 115 -5.86 23.14 -9.15
CA ARG D 115 -6.66 22.05 -9.69
C ARG D 115 -7.02 21.07 -8.57
N TYR D 116 -5.98 20.69 -7.82
CA TYR D 116 -6.09 19.79 -6.70
C TYR D 116 -5.09 20.17 -5.63
N ILE D 117 -5.46 19.95 -4.38
CA ILE D 117 -4.57 20.22 -3.25
C ILE D 117 -4.93 19.31 -2.09
N GLU D 118 -3.93 18.77 -1.41
CA GLU D 118 -4.21 17.97 -0.24
C GLU D 118 -3.30 18.44 0.91
N VAL D 119 -3.81 18.35 2.13
CA VAL D 119 -3.05 18.73 3.31
C VAL D 119 -3.10 17.52 4.27
N TRP D 120 -1.93 17.00 4.66
CA TRP D 120 -1.90 15.86 5.57
C TRP D 120 -1.06 16.26 6.75
N GLY D 121 -1.67 16.36 7.92
CA GLY D 121 -0.96 16.76 9.13
C GLY D 121 -0.77 15.60 10.07
N LYS D 122 0.40 15.54 10.70
CA LYS D 122 0.65 14.45 11.63
C LYS D 122 1.14 15.04 12.93
N PHE D 123 0.27 15.09 13.94
CA PHE D 123 0.70 15.68 15.22
C PHE D 123 1.30 14.64 16.20
N THR D 124 2.11 15.18 17.10
CA THR D 124 2.74 14.43 18.16
C THR D 124 1.60 14.22 19.19
N PRO D 125 1.60 13.09 19.88
CA PRO D 125 0.52 12.79 20.81
C PRO D 125 0.47 13.60 22.09
N ARG D 126 -0.74 13.76 22.60
CA ARG D 126 -1.06 14.37 23.88
C ARG D 126 -1.83 13.26 24.56
N GLY D 127 -1.59 13.03 25.85
CA GLY D 127 -2.31 12.00 26.61
C GLY D 127 -2.35 10.65 25.90
N GLY D 128 -1.22 10.30 25.29
CA GLY D 128 -1.08 9.02 24.57
C GLY D 128 -1.79 8.88 23.23
N ILE D 129 -2.42 9.94 22.72
CA ILE D 129 -3.11 9.89 21.44
C ILE D 129 -2.61 10.98 20.53
N SER D 130 -2.35 10.66 19.25
CA SER D 130 -1.89 11.63 18.22
C SER D 130 -2.94 11.79 17.14
N ILE D 131 -3.18 13.00 16.70
CA ILE D 131 -4.21 13.25 15.70
C ILE D 131 -3.63 13.60 14.32
N ASP D 132 -4.01 12.82 13.29
CA ASP D 132 -3.58 13.03 11.91
C ASP D 132 -4.77 13.37 11.02
N PRO D 133 -5.05 14.67 10.80
CA PRO D 133 -6.13 15.08 9.92
C PRO D 133 -5.63 15.07 8.49
N TYR D 134 -6.51 14.69 7.55
CA TYR D 134 -6.22 14.65 6.10
C TYR D 134 -7.39 15.25 5.38
N THR D 135 -7.10 16.27 4.59
CA THR D 135 -8.12 16.96 3.84
C THR D 135 -7.68 17.32 2.42
N ASN D 136 -8.62 17.27 1.48
CA ASN D 136 -8.24 17.63 0.10
C ASN D 136 -9.37 18.34 -0.61
N TYR D 137 -9.12 18.66 -1.88
CA TYR D 137 -10.02 19.43 -2.72
C TYR D 137 -9.64 19.31 -4.20
N GLY D 138 -10.65 19.38 -5.04
CA GLY D 138 -10.51 19.34 -6.49
C GLY D 138 -11.39 20.47 -7.00
N LYS D 139 -10.93 21.17 -8.02
CA LYS D 139 -11.70 22.26 -8.58
C LYS D 139 -13.10 21.64 -8.86
N PRO D 140 -14.17 22.27 -8.33
CA PRO D 140 -15.52 21.69 -8.46
C PRO D 140 -15.99 21.44 -9.90
N GLY D 141 -16.65 20.29 -10.11
CA GLY D 141 -17.20 19.89 -11.41
C GLY D 141 -16.20 19.31 -12.40
N THR D 142 -14.92 19.29 -12.03
CA THR D 142 -13.92 18.76 -12.91
C THR D 142 -13.50 17.37 -12.47
N LYS D 143 -12.53 16.80 -13.19
CA LYS D 143 -11.97 15.49 -12.86
C LYS D 143 -11.07 15.52 -11.60
N TYR D 144 -10.67 16.72 -11.14
CA TYR D 144 -9.82 16.79 -9.95
C TYR D 144 -10.71 16.63 -8.71
N GLU D 145 -11.97 17.01 -8.87
CA GLU D 145 -12.93 16.83 -7.80
C GLU D 145 -13.13 15.34 -7.65
N LYS D 146 -12.99 14.64 -8.78
CA LYS D 146 -13.21 13.19 -8.82
C LYS D 146 -12.02 12.50 -8.13
N MET D 147 -10.81 12.99 -8.44
CA MET D 147 -9.56 12.54 -7.87
C MET D 147 -9.59 12.75 -6.37
N ALA D 148 -10.08 13.91 -5.95
CA ALA D 148 -10.21 14.20 -4.54
C ALA D 148 -11.15 13.17 -3.84
N GLU D 149 -12.22 12.76 -4.50
CA GLU D 149 -13.11 11.77 -3.92
C GLU D 149 -12.37 10.45 -3.89
N TYR D 150 -11.59 10.21 -4.95
CA TYR D 150 -10.80 9.00 -5.04
C TYR D 150 -9.74 8.89 -3.93
N ARG D 151 -8.89 9.91 -3.81
CA ARG D 151 -7.84 9.90 -2.80
C ARG D 151 -8.47 9.84 -1.40
N MET D 152 -9.61 10.50 -1.23
CA MET D 152 -10.31 10.50 0.06
C MET D 152 -10.82 9.08 0.40
N MET D 153 -11.64 8.51 -0.47
CA MET D 153 -12.17 7.17 -0.24
C MET D 153 -11.05 6.10 -0.17
N ASN D 154 -9.92 6.34 -0.83
CA ASN D 154 -8.80 5.39 -0.73
C ASN D 154 -7.76 5.88 0.29
N HIS D 155 -8.14 6.91 1.05
CA HIS D 155 -7.23 7.45 2.03
C HIS D 155 -6.88 6.45 3.15
N ASP D 156 -5.60 6.43 3.44
CA ASP D 156 -5.01 5.66 4.50
C ASP D 156 -5.62 4.29 4.63
N LEU D 157 -5.60 3.58 3.52
CA LEU D 157 -6.13 2.25 3.45
C LEU D 157 -5.29 1.33 4.35
N TYR D 158 -4.06 1.77 4.63
CA TYR D 158 -3.15 1.04 5.54
C TYR D 158 -2.46 2.01 6.46
N PRO D 159 -3.10 2.40 7.56
CA PRO D 159 -2.45 3.35 8.44
C PRO D 159 -1.07 2.85 8.88
N GLU D 160 -0.13 3.79 8.97
CA GLU D 160 1.22 3.54 9.38
C GLU D 160 1.26 3.17 10.86
N THR D 161 2.25 2.34 11.19
CA THR D 161 2.49 1.89 12.55
C THR D 161 2.95 3.03 13.43
N ILE D 162 2.30 3.17 14.59
CA ILE D 162 2.66 4.19 15.55
C ILE D 162 2.67 3.56 16.96
N ASP D 163 3.63 3.96 17.77
CA ASP D 163 3.73 3.48 19.16
C ASP D 163 4.16 4.60 20.10
N ASN D 164 4.09 5.83 19.60
CA ASN D 164 4.46 7.05 20.34
C ASN D 164 5.95 7.22 20.60
N ARG D 165 6.79 6.51 19.84
CA ARG D 165 8.25 6.64 19.99
C ARG D 165 8.95 6.83 18.66
N ASN E 21 37.39 19.87 -19.79
CA ASN E 21 36.60 21.06 -19.46
C ASN E 21 35.10 20.72 -19.44
N TYR E 22 34.35 21.44 -18.63
CA TYR E 22 32.91 21.21 -18.50
C TYR E 22 32.04 22.44 -18.79
N LEU E 23 30.76 22.16 -18.98
CA LEU E 23 29.77 23.18 -19.25
C LEU E 23 28.88 23.27 -18.02
N PHE E 24 28.78 24.45 -17.44
CA PHE E 24 27.92 24.68 -16.28
C PHE E 24 26.91 25.78 -16.55
N GLU E 25 26.76 26.15 -17.82
CA GLU E 25 25.58 26.87 -18.28
C GLU E 25 24.59 25.92 -18.96
N TYR E 26 23.38 25.85 -18.42
CA TYR E 26 22.31 25.09 -19.04
C TYR E 26 22.65 24.73 -20.48
N ALA E 27 22.84 23.44 -20.73
CA ALA E 27 23.15 22.94 -22.09
C ALA E 27 22.53 21.58 -22.49
N PRO E 28 21.31 21.63 -23.04
CA PRO E 28 20.60 20.44 -23.49
C PRO E 28 21.19 19.83 -24.79
N ASP E 29 22.02 20.61 -25.48
CA ASP E 29 22.66 20.20 -26.72
C ASP E 29 23.68 19.07 -26.45
N VAL E 30 23.84 18.73 -25.16
CA VAL E 30 24.75 17.72 -24.63
C VAL E 30 24.18 16.30 -24.69
N LEU E 31 22.88 16.20 -24.50
CA LEU E 31 22.16 14.95 -24.56
C LEU E 31 22.40 14.17 -25.85
N GLU E 32 22.65 12.88 -25.71
CA GLU E 32 22.86 12.00 -26.83
C GLU E 32 21.81 10.92 -26.71
N SER E 33 21.45 10.31 -27.83
CA SER E 33 20.50 9.24 -27.81
C SER E 33 21.12 8.05 -28.50
N PHE E 34 20.48 6.90 -28.39
CA PHE E 34 20.94 5.68 -29.06
C PHE E 34 19.68 4.82 -29.35
N PRO E 35 19.90 3.60 -29.82
CA PRO E 35 18.79 2.68 -30.13
C PRO E 35 18.21 2.04 -28.88
N ASN E 36 16.89 1.99 -28.80
CA ASN E 36 16.21 1.03 -27.98
C ASN E 36 16.35 -0.33 -28.63
N LYS E 37 16.89 -1.29 -27.87
CA LYS E 37 17.05 -2.65 -28.36
C LYS E 37 15.79 -3.49 -28.11
N HIS E 38 14.86 -2.92 -27.35
CA HIS E 38 13.67 -3.65 -26.94
C HIS E 38 12.40 -2.91 -27.37
N VAL E 39 12.32 -2.57 -28.65
CA VAL E 39 11.27 -1.69 -29.15
C VAL E 39 9.89 -2.34 -28.99
N ASN E 40 9.85 -3.66 -29.10
CA ASN E 40 8.59 -4.41 -28.89
C ASN E 40 8.02 -4.35 -27.49
N ARG E 41 8.88 -4.04 -26.52
CA ARG E 41 8.44 -4.09 -25.13
C ARG E 41 8.31 -2.75 -24.39
N ASP E 42 7.74 -2.88 -23.21
CA ASP E 42 7.54 -1.75 -22.33
C ASP E 42 8.31 -2.01 -21.08
N TYR E 43 9.55 -1.54 -21.03
CA TYR E 43 10.34 -1.69 -19.84
C TYR E 43 10.75 -0.32 -19.39
N PHE E 44 10.73 -0.13 -18.09
CA PHE E 44 11.14 1.11 -17.54
C PHE E 44 12.62 1.10 -17.44
N VAL E 45 13.19 2.21 -17.85
CA VAL E 45 14.61 2.38 -17.70
C VAL E 45 14.65 3.48 -16.62
N LYS E 46 15.43 3.23 -15.58
CA LYS E 46 15.53 4.16 -14.45
C LYS E 46 16.91 4.75 -14.31
N PHE E 47 16.94 6.02 -13.98
CA PHE E 47 18.19 6.72 -13.75
C PHE E 47 18.03 7.29 -12.38
N ASN E 48 19.13 7.45 -11.66
CA ASN E 48 18.98 7.99 -10.34
C ASN E 48 20.16 8.90 -10.00
N CYS E 49 19.92 10.20 -10.10
CA CYS E 49 20.95 11.21 -9.81
C CYS E 49 20.80 11.70 -8.37
N PRO E 50 21.64 11.19 -7.44
CA PRO E 50 21.61 11.56 -6.02
C PRO E 50 22.26 12.90 -5.68
N GLU E 51 22.87 13.57 -6.64
CA GLU E 51 23.51 14.84 -6.35
C GLU E 51 23.38 15.82 -7.51
N PHE E 52 22.23 16.43 -7.54
CA PHE E 52 21.92 17.43 -8.53
C PHE E 52 21.93 18.71 -7.73
N THR E 53 22.32 19.78 -8.40
CA THR E 53 22.36 21.10 -7.80
C THR E 53 22.29 22.16 -8.87
N SER E 54 21.54 23.22 -8.60
CA SER E 54 21.42 24.34 -9.53
C SER E 54 21.63 25.67 -8.80
N LEU E 55 20.72 26.62 -9.04
CA LEU E 55 20.75 27.89 -8.33
C LEU E 55 19.34 28.48 -8.21
N ALA E 56 19.13 29.25 -7.15
CA ALA E 56 17.89 29.97 -6.97
C ALA E 56 17.95 31.14 -7.89
N PRO E 57 16.90 31.38 -8.68
CA PRO E 57 16.96 32.53 -9.59
C PRO E 57 16.80 33.89 -8.86
N LYS E 58 16.19 33.85 -7.68
CA LYS E 58 15.90 35.04 -6.87
C LYS E 58 17.14 35.73 -6.28
N THR E 59 18.06 34.92 -5.75
CA THR E 59 19.28 35.41 -5.06
C THR E 59 20.64 35.00 -5.59
N GLY E 60 20.70 33.85 -6.24
CA GLY E 60 21.95 33.33 -6.74
C GLY E 60 22.39 32.16 -5.86
N GLN E 61 21.65 31.90 -4.77
CA GLN E 61 21.93 30.81 -3.82
C GLN E 61 21.68 29.40 -4.39
N PRO E 62 22.62 28.46 -4.15
CA PRO E 62 22.54 27.08 -4.59
C PRO E 62 21.45 26.27 -3.91
N ASP E 63 20.98 25.24 -4.60
CA ASP E 63 19.92 24.35 -4.08
C ASP E 63 20.38 22.95 -4.42
N PHE E 64 19.80 21.96 -3.74
CA PHE E 64 20.26 20.55 -3.89
C PHE E 64 19.15 19.52 -3.92
N ALA E 65 19.31 18.47 -4.72
CA ALA E 65 18.27 17.42 -4.82
C ALA E 65 18.74 16.08 -5.31
N THR E 66 17.85 15.11 -5.18
CA THR E 66 18.02 13.80 -5.70
C THR E 66 16.93 13.81 -6.78
N ILE E 67 17.29 13.34 -7.98
CA ILE E 67 16.38 13.25 -9.13
C ILE E 67 16.11 11.82 -9.52
N TYR E 68 14.83 11.45 -9.54
CA TYR E 68 14.42 10.12 -9.93
CA TYR E 68 14.44 10.11 -9.96
C TYR E 68 13.85 10.25 -11.34
N ILE E 69 14.30 9.39 -12.24
CA ILE E 69 13.81 9.42 -13.63
C ILE E 69 13.54 8.01 -14.17
N SER E 70 12.33 7.84 -14.69
CA SER E 70 11.85 6.60 -15.24
C SER E 70 11.12 6.85 -16.53
N TYR E 71 11.42 6.03 -17.51
CA TYR E 71 10.77 6.23 -18.79
C TYR E 71 10.72 4.93 -19.59
N ILE E 72 9.72 4.81 -20.45
CA ILE E 72 9.59 3.67 -21.32
C ILE E 72 9.91 4.26 -22.66
N PRO E 73 10.95 3.75 -23.32
CA PRO E 73 11.34 4.33 -24.61
C PRO E 73 10.40 3.94 -25.73
N ASP E 74 10.77 4.30 -26.95
CA ASP E 74 10.03 3.94 -28.12
C ASP E 74 11.15 3.42 -29.01
N GLU E 75 11.72 4.32 -29.79
CA GLU E 75 12.83 3.99 -30.66
C GLU E 75 14.09 4.39 -29.94
N LYS E 76 14.09 5.58 -29.36
CA LYS E 76 15.31 6.12 -28.71
C LYS E 76 15.49 5.91 -27.21
N MET E 77 16.74 5.97 -26.80
CA MET E 77 17.20 5.89 -25.41
C MET E 77 18.25 6.97 -25.16
N VAL E 78 18.29 7.55 -23.97
CA VAL E 78 19.28 8.56 -23.70
C VAL E 78 20.52 7.82 -23.18
N GLU E 79 21.70 8.15 -23.73
CA GLU E 79 22.95 7.54 -23.33
C GLU E 79 23.21 8.22 -22.00
N SER E 80 23.14 7.43 -20.92
CA SER E 80 23.25 7.91 -19.51
C SER E 80 24.43 8.84 -19.12
N LYS E 81 25.58 8.71 -19.79
CA LYS E 81 26.72 9.60 -19.51
C LYS E 81 26.36 11.03 -19.92
N SER E 82 25.62 11.21 -21.01
CA SER E 82 25.27 12.56 -21.45
C SER E 82 24.14 13.08 -20.58
N LEU E 83 23.49 12.19 -19.84
CA LEU E 83 22.43 12.60 -18.93
C LEU E 83 23.10 13.22 -17.69
N LYS E 84 24.10 12.51 -17.16
CA LYS E 84 24.86 13.04 -16.01
C LYS E 84 25.40 14.43 -16.40
N LEU E 85 26.09 14.51 -17.54
CA LEU E 85 26.63 15.78 -18.07
C LEU E 85 25.54 16.83 -18.20
N TYR E 86 24.37 16.41 -18.68
CA TYR E 86 23.26 17.33 -18.83
C TYR E 86 22.84 17.84 -17.44
N LEU E 87 22.74 16.94 -16.49
CA LEU E 87 22.37 17.36 -15.15
C LEU E 87 23.41 18.30 -14.48
N PHE E 88 24.67 18.16 -14.84
CA PHE E 88 25.68 19.04 -14.26
C PHE E 88 25.63 20.45 -14.88
N SER E 89 24.96 20.59 -16.04
CA SER E 89 24.89 21.90 -16.68
C SER E 89 23.84 22.80 -15.97
N PHE E 90 23.33 22.34 -14.84
CA PHE E 90 22.41 23.18 -14.09
C PHE E 90 23.15 23.88 -12.95
N ARG E 91 24.36 23.42 -12.65
CA ARG E 91 25.16 23.96 -11.56
C ARG E 91 25.01 25.50 -11.43
N ASN E 92 25.04 26.23 -12.54
CA ASN E 92 24.92 27.70 -12.46
C ASN E 92 23.66 28.30 -13.10
N HIS E 93 22.56 27.55 -13.11
CA HIS E 93 21.33 28.04 -13.72
C HIS E 93 20.27 28.42 -12.67
N GLY E 94 19.74 29.64 -12.79
CA GLY E 94 18.68 30.11 -11.88
C GLY E 94 17.29 29.65 -12.34
N ASP E 95 16.52 29.03 -11.45
CA ASP E 95 15.17 28.51 -11.76
C ASP E 95 14.51 27.93 -10.51
N PHE E 96 13.19 27.87 -10.45
CA PHE E 96 12.54 27.29 -9.29
C PHE E 96 12.58 25.76 -9.43
N HIS E 97 12.17 25.03 -8.40
CA HIS E 97 12.26 23.58 -8.48
C HIS E 97 11.20 22.99 -9.42
N GLU E 98 9.95 23.45 -9.31
CA GLU E 98 8.86 23.01 -10.15
C GLU E 98 9.30 23.14 -11.62
N ASP E 99 9.72 24.36 -11.97
CA ASP E 99 10.20 24.70 -13.30
C ASP E 99 11.31 23.78 -13.77
N CYS E 100 12.29 23.64 -12.89
CA CYS E 100 13.45 22.86 -13.14
C CYS E 100 13.10 21.41 -13.58
N MET E 101 12.34 20.70 -12.72
CA MET E 101 11.93 19.33 -13.01
C MET E 101 11.17 19.24 -14.34
N ASN E 102 10.18 20.11 -14.52
CA ASN E 102 9.46 20.14 -15.77
C ASN E 102 10.37 20.37 -16.95
N ILE E 103 11.39 21.23 -16.84
CA ILE E 103 12.33 21.47 -17.95
C ILE E 103 13.07 20.20 -18.30
N ILE E 104 13.56 19.48 -17.30
CA ILE E 104 14.28 18.23 -17.56
C ILE E 104 13.38 17.23 -18.28
N MET E 105 12.11 17.19 -17.91
CA MET E 105 11.25 16.22 -18.56
C MET E 105 11.09 16.66 -20.02
N ASN E 106 10.81 17.95 -20.24
CA ASN E 106 10.67 18.41 -21.62
C ASN E 106 11.88 18.06 -22.45
N ASP E 107 13.08 18.44 -22.01
CA ASP E 107 14.27 18.13 -22.80
C ASP E 107 14.43 16.63 -23.08
N LEU E 108 14.03 15.77 -22.15
CA LEU E 108 14.12 14.33 -22.39
C LEU E 108 13.02 13.92 -23.37
N ILE E 109 11.83 14.50 -23.23
CA ILE E 109 10.74 14.24 -24.16
C ILE E 109 11.16 14.57 -25.61
N GLU E 110 11.76 15.74 -25.80
CA GLU E 110 12.23 16.18 -27.13
C GLU E 110 13.37 15.30 -27.64
N LEU E 111 14.22 14.80 -26.77
CA LEU E 111 15.31 14.00 -27.28
C LEU E 111 14.92 12.59 -27.67
N MET E 112 14.11 11.96 -26.84
CA MET E 112 13.72 10.57 -27.04
C MET E 112 12.36 10.28 -27.66
N ASP E 113 11.41 11.20 -27.45
CA ASP E 113 10.01 11.00 -27.86
C ASP E 113 9.53 9.70 -27.17
N PRO E 114 9.77 9.60 -25.84
CA PRO E 114 9.44 8.42 -25.05
C PRO E 114 7.98 8.05 -25.12
N ARG E 115 7.68 6.81 -24.77
CA ARG E 115 6.30 6.39 -24.73
C ARG E 115 5.73 7.00 -23.48
N TYR E 116 6.49 6.89 -22.40
CA TYR E 116 6.15 7.41 -21.08
C TYR E 116 7.40 7.84 -20.35
N ILE E 117 7.28 8.89 -19.54
CA ILE E 117 8.38 9.39 -18.75
C ILE E 117 7.86 10.19 -17.56
N GLU E 118 8.61 10.13 -16.45
CA GLU E 118 8.29 10.88 -15.24
C GLU E 118 9.57 11.30 -14.55
N VAL E 119 9.51 12.45 -13.90
CA VAL E 119 10.63 12.92 -13.19
C VAL E 119 10.15 13.28 -11.81
N TRP E 120 10.76 12.68 -10.79
CA TRP E 120 10.41 13.00 -9.43
C TRP E 120 11.67 13.57 -8.77
N GLY E 121 11.57 14.81 -8.29
CA GLY E 121 12.70 15.50 -7.65
C GLY E 121 12.49 15.69 -6.17
N LYS E 122 13.57 15.60 -5.41
CA LYS E 122 13.49 15.74 -3.96
C LYS E 122 14.50 16.73 -3.47
N PHE E 123 14.09 17.96 -3.17
CA PHE E 123 15.05 19.00 -2.76
C PHE E 123 15.33 19.01 -1.25
N THR E 124 16.49 19.55 -0.87
CA THR E 124 16.81 19.64 0.56
C THR E 124 16.06 20.84 1.03
N PRO E 125 15.75 20.94 2.32
CA PRO E 125 14.95 22.09 2.77
C PRO E 125 15.67 23.45 2.82
N ARG E 126 14.85 24.49 2.85
CA ARG E 126 15.26 25.89 2.97
C ARG E 126 14.14 26.58 3.72
N GLY E 127 14.46 27.06 4.92
CA GLY E 127 13.45 27.68 5.77
C GLY E 127 12.62 26.58 6.39
N GLY E 128 13.21 25.39 6.54
CA GLY E 128 12.55 24.22 7.11
C GLY E 128 11.38 23.64 6.30
N ILE E 129 11.48 23.73 4.97
CA ILE E 129 10.47 23.25 4.03
C ILE E 129 11.12 22.63 2.81
N SER E 130 10.81 21.39 2.50
CA SER E 130 11.44 20.82 1.30
C SER E 130 10.43 20.61 0.16
N ILE E 131 10.89 20.83 -1.05
CA ILE E 131 10.02 20.76 -2.20
C ILE E 131 10.32 19.57 -3.06
N ASP E 132 9.30 18.75 -3.31
CA ASP E 132 9.45 17.58 -4.17
C ASP E 132 8.48 17.75 -5.35
N PRO E 133 8.98 18.25 -6.49
CA PRO E 133 7.99 18.36 -7.56
C PRO E 133 7.99 17.09 -8.41
N TYR E 134 6.80 16.50 -8.62
CA TYR E 134 6.67 15.28 -9.45
C TYR E 134 5.92 15.55 -10.75
N THR E 135 6.52 15.18 -11.87
CA THR E 135 5.84 15.41 -13.14
C THR E 135 5.98 14.24 -14.10
N ASN E 136 4.94 13.96 -14.90
CA ASN E 136 5.02 12.85 -15.89
C ASN E 136 4.27 13.13 -17.19
N TYR E 137 4.47 12.25 -18.17
CA TYR E 137 3.89 12.34 -19.51
C TYR E 137 3.75 10.99 -20.15
N GLY E 138 2.70 10.81 -20.94
CA GLY E 138 2.49 9.57 -21.70
C GLY E 138 2.08 10.03 -23.10
N LYS E 139 2.66 9.46 -24.15
CA LYS E 139 2.31 9.88 -25.50
C LYS E 139 0.81 10.16 -25.64
N PRO E 140 0.46 11.32 -26.18
CA PRO E 140 -0.95 11.74 -26.27
C PRO E 140 -1.81 10.82 -27.12
N GLY E 141 -2.94 10.41 -26.56
CA GLY E 141 -3.87 9.57 -27.28
C GLY E 141 -3.67 8.10 -26.99
N THR E 142 -2.44 7.72 -26.69
CA THR E 142 -2.11 6.36 -26.39
C THR E 142 -2.59 5.99 -24.98
N LYS E 143 -2.33 4.75 -24.58
CA LYS E 143 -2.63 4.26 -23.25
C LYS E 143 -1.61 4.85 -22.28
N TYR E 144 -0.46 5.23 -22.83
CA TYR E 144 0.59 5.83 -22.04
C TYR E 144 0.03 7.14 -21.46
N GLU E 145 -0.75 7.87 -22.25
CA GLU E 145 -1.34 9.11 -21.76
C GLU E 145 -2.22 8.81 -20.56
N LYS E 146 -3.01 7.76 -20.73
CA LYS E 146 -3.92 7.30 -19.72
C LYS E 146 -3.07 6.71 -18.56
N MET E 147 -1.93 6.09 -18.88
CA MET E 147 -1.05 5.53 -17.85
C MET E 147 -0.50 6.63 -16.96
N ALA E 148 -0.21 7.77 -17.58
CA ALA E 148 0.33 8.92 -16.87
C ALA E 148 -0.72 9.57 -16.00
N GLU E 149 -1.97 9.54 -16.46
CA GLU E 149 -3.06 10.15 -15.72
C GLU E 149 -3.42 9.29 -14.51
N TYR E 150 -3.30 7.98 -14.65
CA TYR E 150 -3.57 7.17 -13.49
C TYR E 150 -2.50 7.49 -12.44
N ARG E 151 -1.25 7.62 -12.88
CA ARG E 151 -0.15 7.91 -11.96
C ARG E 151 -0.27 9.31 -11.24
N MET E 152 -0.68 10.37 -11.95
CA MET E 152 -0.87 11.64 -11.28
C MET E 152 -1.96 11.47 -10.26
N MET E 153 -3.02 10.75 -10.62
CA MET E 153 -4.13 10.55 -9.69
C MET E 153 -3.71 9.70 -8.48
N ASN E 154 -2.81 8.73 -8.64
CA ASN E 154 -2.40 7.95 -7.46
C ASN E 154 -1.00 8.27 -7.00
N HIS E 155 -0.48 9.43 -7.38
CA HIS E 155 0.89 9.77 -7.01
C HIS E 155 1.10 10.05 -5.56
N ASP E 156 2.07 9.34 -4.98
CA ASP E 156 2.47 9.57 -3.58
C ASP E 156 1.30 9.63 -2.60
N LEU E 157 0.55 8.55 -2.48
CA LEU E 157 -0.61 8.49 -1.59
C LEU E 157 -0.23 8.62 -0.11
N TYR E 158 0.87 7.95 0.25
CA TYR E 158 1.47 7.94 1.58
C TYR E 158 2.82 8.64 1.48
N PRO E 159 2.88 9.92 1.84
CA PRO E 159 4.16 10.60 1.73
C PRO E 159 5.11 10.07 2.76
N GLU E 160 6.38 9.91 2.38
CA GLU E 160 7.41 9.41 3.27
C GLU E 160 7.63 10.38 4.44
N THR E 161 8.02 9.83 5.59
CA THR E 161 8.27 10.66 6.74
C THR E 161 9.53 11.53 6.58
N ILE E 162 9.38 12.84 6.77
CA ILE E 162 10.49 13.77 6.70
C ILE E 162 10.60 14.55 8.02
N ASP E 163 11.82 14.63 8.54
CA ASP E 163 12.04 15.35 9.78
C ASP E 163 13.20 16.32 9.62
N ASN E 164 13.65 16.49 8.38
CA ASN E 164 14.76 17.38 8.01
C ASN E 164 16.17 16.91 8.43
N ARG E 165 16.27 15.68 8.91
CA ARG E 165 17.54 15.11 9.32
C ARG E 165 17.89 13.96 8.38
N1 PQ0 F . 3.30 -28.37 -2.56
C2 PQ0 F . 3.69 -28.63 -3.83
N3 PQ0 F . 4.68 -29.52 -4.11
C4 PQ0 F . 5.30 -30.15 -3.07
C5 PQ0 F . 4.92 -29.90 -1.78
C6 PQ0 F . 3.89 -29.00 -1.52
O6 PQ0 F . 3.47 -28.70 -0.25
C7 PQ0 F . 5.76 -30.74 -1.06
C10 PQ0 F . 5.75 -30.79 0.28
N11 PQ0 F . 5.66 -30.80 1.44
C8 PQ0 F . 6.63 -31.46 -1.86
N9 PQ0 F . 6.31 -31.05 -3.12
N2 PQ0 F . 3.06 -27.97 -4.81
CA CA G . 13.74 -10.86 2.09
O1 PE4 H . 1.55 1.26 2.45
C1 PE4 H . 2.85 1.85 2.21
C2 PE4 H . 2.90 2.46 0.81
O2 PE4 H . 3.34 1.50 -0.14
C3 PE4 H . 2.26 0.80 -0.79
C4 PE4 H . 2.64 -0.64 -1.12
O3 PE4 H . 1.80 -1.65 -0.50
C5 PE4 H . 0.48 -1.92 -1.06
C6 PE4 H . 0.50 -2.26 -2.54
O4 PE4 H . -0.21 -1.25 -3.27
C7 PE4 H . 0.57 -0.69 -4.33
C8 PE4 H . -0.31 -0.29 -5.51
O5 PE4 H . -0.79 1.06 -5.35
C9 PE4 H . -1.81 1.45 -6.28
C10 PE4 H . -2.88 2.32 -5.61
O6 PE4 H . -4.17 1.70 -5.75
C11 PE4 H . -5.16 2.16 -4.81
C12 PE4 H . -5.74 1.00 -4.00
O7 PE4 H . -7.01 0.49 -4.46
C13 PE4 H . -7.22 -0.85 -4.02
C14 PE4 H . -8.03 -1.70 -5.01
O8 PE4 H . -7.20 -2.33 -6.00
C15 PE4 H . -7.89 -2.84 -7.14
C16 PE4 H . -7.21 -2.36 -8.40
CA CA I . 2.87 -29.62 5.34
N1 PQ0 J . -11.28 -13.19 20.63
C2 PQ0 J . -11.44 -14.40 20.05
N3 PQ0 J . -11.22 -15.56 20.71
C4 PQ0 J . -10.81 -15.45 22.00
C5 PQ0 J . -10.62 -14.24 22.65
C6 PQ0 J . -10.86 -13.05 21.91
O6 PQ0 J . -10.72 -11.78 22.40
C7 PQ0 J . -10.20 -14.69 23.91
C10 PQ0 J . -9.89 -13.98 24.99
N11 PQ0 J . -9.62 -13.36 25.95
C8 PQ0 J . -10.17 -16.05 24.02
N9 PQ0 J . -10.55 -16.51 22.81
N2 PQ0 J . -11.86 -14.47 18.77
CA CA K . 7.79 -7.96 13.38
CA CA L . -10.39 -7.49 25.98
N1 PQ0 M . -8.63 17.92 18.37
C2 PQ0 M . -9.43 17.17 19.16
N3 PQ0 M . -9.44 17.35 20.49
C4 PQ0 M . -8.62 18.30 21.00
C5 PQ0 M . -7.78 19.09 20.23
C6 PQ0 M . -7.80 18.89 18.87
O6 PQ0 M . -7.02 19.61 18.02
C7 PQ0 M . -7.19 19.91 21.19
C10 PQ0 M . -6.27 20.85 21.02
N11 PQ0 M . -5.43 21.64 20.84
C8 PQ0 M . -7.63 19.64 22.47
N9 PQ0 M . -8.53 18.63 22.31
N2 PQ0 M . -10.22 16.22 18.62
CA CA N . 7.56 4.67 16.45
CA CA O . -3.18 24.35 17.13
N1 PQ0 P . 9.57 27.06 -5.48
C2 PQ0 P . 8.61 27.71 -4.80
N3 PQ0 P . 8.86 28.81 -4.04
C4 PQ0 P . 10.14 29.26 -3.98
C5 PQ0 P . 11.16 28.60 -4.67
C6 PQ0 P . 10.86 27.48 -5.43
O6 PQ0 P . 11.86 26.84 -6.11
C7 PQ0 P . 12.28 29.35 -4.35
C10 PQ0 P . 13.48 29.03 -4.83
N11 PQ0 P . 14.55 28.79 -5.19
C8 PQ0 P . 12.00 30.43 -3.52
N9 PQ0 P . 10.65 30.34 -3.30
N2 PQ0 P . 7.34 27.24 -4.88
CA CA Q . 14.74 12.03 8.10
CA CA R . 17.66 26.00 -9.27
#